data_1Y56
#
_entry.id   1Y56
#
_cell.length_a   172.219
_cell.length_b   172.219
_cell.length_c   175.398
_cell.angle_alpha   90.00
_cell.angle_beta   90.00
_cell.angle_gamma   120.00
#
_symmetry.space_group_name_H-M   'P 64 2 2'
#
loop_
_entity.id
_entity.type
_entity.pdbx_description
1 polymer 'hypothetical protein PH1363'
2 polymer 'sarcosine oxidase'
3 non-polymer 'FE (III) ION'
4 non-polymer 'SULFATE ION'
5 non-polymer 'FLAVIN MONONUCLEOTIDE'
6 non-polymer "ADENOSINE-5'-TRIPHOSPHATE"
7 non-polymer '3-CYCLOHEXYL-1-PROPYLSULFONIC ACID'
8 non-polymer 'CHLORIDE ION'
9 non-polymer 'FLAVIN-ADENINE DINUCLEOTIDE'
10 water water
#
loop_
_entity_poly.entity_id
_entity_poly.type
_entity_poly.pdbx_seq_one_letter_code
_entity_poly.pdbx_strand_id
1 'polypeptide(L)'
;MLMRPLDLTEKRGKKVTIYFEGKELEAYEGEKLPVALLANEIYWLTTSNEGRKRGAFTFGPVPMTVNGVKGLEARRIKVK
DGMKIERQGYYDFHEEPVVEPGEIERVVVDVAIIGGGPAGIGAALELQQYLTVALIEERGWLGGDMWLKGIKQEGFNKDS
RKVVEELVGKLNENTKIYLETSALGVFDKGEYFLVPVVRGDKLIEILAKRVVLATGAIDSTMLFENNDMPGVFRRDFALE
VMNVWEVAPGRKVAVTGSKADEVIQELERWGIDYVHIPNVKRVEGNEKVERVIDMNNHEYKVDALIFADGRRPDINPITQ
AGGKLRFRRGYYSPVLDEYHRIKDGIYVAGSAVSIKPHYANYLEGKLVGAYILKEFGYDAQPCIYEEKLREYEPESLSIP
RIPLDKFNLEDVQICGCDVSLKKVDEVIRKGITDLQIIKRLTHLAMGFCQGRYCLFNGAVVVSQRTGKKLSEIDLPVARS
PIKNVKMGILARR
;
A
2 'polypeptide(L)'
;MLPEKSEIVVIGGGIVGVTIAHELAKRGEEVTVIEKRFIGSGSTFRCGTGIRQQFNDEANVRVMKRSVELWKKYSEEYGF
SFKQTGYLFLLYDDEEVKTFKRNIEIQNKFGVPTKLITPEEAKEIVPLLDISEVIAASWNPTDGKADPFEATTAFAVKAK
EYGAKLLEYTEVKGFLIENNEIKGVKTNKGIIKTGIVVNATNAWANLINAMAGIKTKIPIEPYKHQAVITQPIKRGTINP
MVISFKYGHAYLTQTFHGGIIGGIGYEIGPTYDLTPTYEFLREVSYYFTKIIPALKNLLILRTWAGYYAKTPDSNPAIGR
IEELNDYYIAAGFSGHGFMMAPAVGEMVAELITKGKTKLPVEWYDPYRFERGELRTAALQMG
;
B
#
# COMPACT_ATOMS: atom_id res chain seq x y z
N MET A 3 -14.43 -11.95 39.73
CA MET A 3 -13.07 -11.85 39.11
C MET A 3 -12.77 -12.99 38.12
N ARG A 4 -12.41 -12.63 36.90
CA ARG A 4 -11.96 -13.63 35.93
C ARG A 4 -10.50 -13.90 36.22
N PRO A 5 -9.97 -15.02 35.72
CA PRO A 5 -8.63 -15.46 36.11
C PRO A 5 -7.52 -14.43 35.84
N LEU A 6 -7.66 -13.63 34.79
CA LEU A 6 -6.63 -12.66 34.47
C LEU A 6 -7.00 -11.23 34.78
N ASP A 7 -7.99 -11.05 35.65
CA ASP A 7 -8.35 -9.71 36.14
C ASP A 7 -7.28 -9.24 37.10
N LEU A 8 -6.84 -8.00 36.96
CA LEU A 8 -5.95 -7.42 37.95
C LEU A 8 -6.71 -6.70 39.04
N THR A 9 -7.95 -6.31 38.73
CA THR A 9 -8.83 -5.65 39.68
C THR A 9 -10.16 -6.36 39.61
N GLU A 10 -11.01 -6.17 40.62
CA GLU A 10 -12.41 -6.53 40.45
C GLU A 10 -13.11 -5.40 39.72
N LYS A 11 -13.71 -5.73 38.58
CA LYS A 11 -14.36 -4.72 37.77
C LYS A 11 -15.74 -4.39 38.34
N ARG A 12 -16.01 -3.08 38.45
CA ARG A 12 -17.28 -2.59 38.99
C ARG A 12 -18.19 -1.98 37.93
N GLY A 13 -17.83 -2.14 36.66
CA GLY A 13 -18.72 -1.76 35.56
C GLY A 13 -19.90 -2.70 35.51
N LYS A 14 -20.92 -2.35 34.72
CA LYS A 14 -22.08 -3.21 34.51
C LYS A 14 -21.64 -4.55 33.93
N LYS A 15 -21.92 -5.61 34.68
CA LYS A 15 -21.59 -6.97 34.25
C LYS A 15 -22.43 -7.33 33.03
N VAL A 16 -21.86 -8.08 32.11
CA VAL A 16 -22.53 -8.47 30.90
C VAL A 16 -22.10 -9.89 30.56
N THR A 17 -22.84 -10.56 29.67
CA THR A 17 -22.49 -11.93 29.30
C THR A 17 -22.41 -12.16 27.79
N ILE A 18 -21.32 -12.79 27.36
CA ILE A 18 -21.05 -13.06 25.96
C ILE A 18 -20.69 -14.51 25.73
N TYR A 19 -20.65 -14.91 24.47
CA TYR A 19 -20.41 -16.30 24.13
C TYR A 19 -19.28 -16.42 23.13
N PHE A 20 -18.26 -17.21 23.46
CA PHE A 20 -17.18 -17.48 22.54
C PHE A 20 -17.17 -18.94 22.13
N GLU A 21 -17.30 -19.20 20.84
CA GLU A 21 -17.42 -20.56 20.32
C GLU A 21 -18.46 -21.36 21.11
N GLY A 22 -19.57 -20.73 21.45
CA GLY A 22 -20.61 -21.38 22.23
C GLY A 22 -20.46 -21.21 23.74
N LYS A 23 -19.22 -21.15 24.23
CA LYS A 23 -18.97 -21.01 25.68
C LYS A 23 -19.43 -19.67 26.27
N GLU A 24 -20.06 -19.77 27.45
CA GLU A 24 -20.56 -18.60 28.15
C GLU A 24 -19.47 -17.93 28.99
N LEU A 25 -19.23 -16.65 28.71
CA LEU A 25 -18.19 -15.91 29.38
C LEU A 25 -18.75 -14.66 30.01
N GLU A 26 -18.10 -14.15 31.04
CA GLU A 26 -18.52 -12.90 31.63
C GLU A 26 -17.56 -11.80 31.20
N ALA A 27 -18.13 -10.66 30.85
CA ALA A 27 -17.39 -9.46 30.47
C ALA A 27 -18.07 -8.23 31.08
N TYR A 28 -17.44 -7.08 30.95
CA TYR A 28 -18.02 -5.86 31.47
C TYR A 28 -18.27 -4.88 30.35
N GLU A 29 -19.27 -4.02 30.55
CA GLU A 29 -19.68 -3.08 29.53
C GLU A 29 -18.60 -2.03 29.23
N GLY A 30 -18.29 -1.88 27.95
CA GLY A 30 -17.28 -0.92 27.53
C GLY A 30 -15.98 -1.61 27.16
N GLU A 31 -15.81 -2.85 27.63
CA GLU A 31 -14.64 -3.64 27.31
C GLU A 31 -14.61 -3.99 25.83
N LYS A 32 -13.42 -4.04 25.27
CA LYS A 32 -13.27 -4.43 23.88
C LYS A 32 -13.02 -5.91 23.80
N LEU A 33 -13.64 -6.51 22.79
CA LEU A 33 -13.65 -7.95 22.56
C LEU A 33 -12.38 -8.74 22.96
N PRO A 34 -11.21 -8.37 22.41
CA PRO A 34 -10.03 -9.19 22.69
C PRO A 34 -9.62 -9.14 24.16
N VAL A 35 -9.99 -8.07 24.85
CA VAL A 35 -9.60 -7.87 26.24
C VAL A 35 -10.49 -8.71 27.15
N ALA A 36 -11.80 -8.68 26.88
CA ALA A 36 -12.74 -9.57 27.55
C ALA A 36 -12.31 -11.04 27.38
N LEU A 37 -11.90 -11.42 26.18
CA LEU A 37 -11.46 -12.78 25.95
C LEU A 37 -10.15 -13.11 26.64
N LEU A 38 -9.27 -12.11 26.79
CA LEU A 38 -7.99 -12.32 27.46
C LEU A 38 -8.23 -12.59 28.94
N ALA A 39 -9.05 -11.75 29.54
CA ALA A 39 -9.41 -11.85 30.94
C ALA A 39 -9.89 -13.26 31.27
N ASN A 40 -10.59 -13.85 30.30
CA ASN A 40 -11.11 -15.20 30.42
C ASN A 40 -10.13 -16.24 29.87
N GLU A 41 -8.85 -15.86 29.84
CA GLU A 41 -7.77 -16.74 29.43
C GLU A 41 -7.83 -17.25 27.99
N ILE A 42 -8.45 -16.48 27.10
CA ILE A 42 -8.57 -16.88 25.71
C ILE A 42 -7.66 -15.99 24.85
N TYR A 43 -6.71 -16.61 24.15
CA TYR A 43 -5.70 -15.88 23.41
C TYR A 43 -5.85 -16.01 21.91
N TRP A 44 -6.05 -17.23 21.43
CA TRP A 44 -6.14 -17.51 19.99
C TRP A 44 -7.48 -17.07 19.40
N LEU A 45 -7.43 -16.03 18.58
CA LEU A 45 -8.64 -15.39 18.08
C LEU A 45 -8.90 -15.60 16.60
N THR A 46 -7.84 -15.90 15.84
CA THR A 46 -8.01 -16.12 14.41
C THR A 46 -6.87 -16.95 13.82
N THR A 47 -7.06 -17.36 12.57
CA THR A 47 -6.02 -18.01 11.81
C THR A 47 -5.80 -17.30 10.49
N SER A 48 -4.53 -17.19 10.10
CA SER A 48 -4.14 -16.56 8.84
C SER A 48 -4.47 -17.51 7.70
N ASN A 49 -4.50 -16.98 6.47
CA ASN A 49 -4.86 -17.75 5.29
C ASN A 49 -4.01 -19.00 5.02
N GLU A 50 -2.77 -18.99 5.51
CA GLU A 50 -1.87 -20.14 5.40
C GLU A 50 -1.79 -20.97 6.72
N GLY A 51 -2.75 -20.75 7.62
CA GLY A 51 -2.90 -21.60 8.82
C GLY A 51 -2.10 -21.23 10.06
N ARG A 52 -1.83 -19.95 10.26
CA ARG A 52 -1.08 -19.56 11.44
C ARG A 52 -2.04 -18.97 12.47
N LYS A 53 -2.04 -19.56 13.65
CA LYS A 53 -2.83 -19.08 14.80
C LYS A 53 -2.36 -17.72 15.31
N ARG A 54 -3.31 -16.86 15.67
CA ARG A 54 -2.99 -15.49 16.04
C ARG A 54 -3.84 -14.87 17.13
N GLY A 55 -3.23 -13.94 17.86
CA GLY A 55 -3.90 -13.20 18.91
C GLY A 55 -4.18 -11.78 18.49
N ALA A 56 -4.22 -10.88 19.45
CA ALA A 56 -4.65 -9.52 19.21
C ALA A 56 -3.62 -8.49 19.65
N PHE A 57 -2.47 -8.97 20.11
CA PHE A 57 -1.58 -8.11 20.86
C PHE A 57 -0.24 -7.92 20.22
N THR A 58 -0.18 -8.24 18.94
CA THR A 58 1.00 -8.04 18.11
C THR A 58 0.53 -7.54 16.73
N PHE A 59 1.39 -7.53 15.71
CA PHE A 59 0.95 -7.07 14.39
C PHE A 59 -0.10 -7.96 13.74
N GLY A 60 -0.91 -7.38 12.87
CA GLY A 60 -1.86 -8.15 12.08
C GLY A 60 -3.30 -7.93 12.51
N PRO A 61 -4.25 -8.10 11.59
CA PRO A 61 -5.67 -7.88 11.89
C PRO A 61 -6.35 -9.09 12.55
N VAL A 62 -7.47 -8.84 13.22
CA VAL A 62 -8.20 -9.89 13.92
C VAL A 62 -9.65 -9.94 13.42
N PRO A 63 -9.87 -10.58 12.25
CA PRO A 63 -11.23 -10.65 11.73
C PRO A 63 -12.04 -11.73 12.46
N MET A 64 -13.21 -11.35 12.96
CA MET A 64 -14.04 -12.32 13.67
C MET A 64 -15.53 -12.20 13.36
N THR A 65 -16.24 -13.34 13.45
CA THR A 65 -17.67 -13.40 13.25
C THR A 65 -18.34 -13.04 14.57
N VAL A 66 -19.10 -11.94 14.55
CA VAL A 66 -19.52 -11.33 15.80
C VAL A 66 -20.99 -11.43 16.14
N ASN A 67 -21.82 -11.82 15.18
CA ASN A 67 -23.22 -12.20 15.43
C ASN A 67 -23.74 -12.73 14.14
N GLY A 68 -22.98 -13.64 13.55
CA GLY A 68 -23.24 -14.08 12.18
C GLY A 68 -22.70 -13.12 11.13
N VAL A 69 -22.28 -11.93 11.55
CA VAL A 69 -21.59 -11.00 10.65
C VAL A 69 -20.08 -11.30 10.62
N LYS A 70 -19.62 -11.81 9.49
CA LYS A 70 -18.24 -12.23 9.34
C LYS A 70 -17.33 -11.03 9.14
N GLY A 71 -16.05 -11.20 9.44
CA GLY A 71 -15.03 -10.22 9.10
C GLY A 71 -15.01 -8.88 9.81
N LEU A 72 -15.66 -8.79 10.97
CA LEU A 72 -15.55 -7.59 11.79
C LEU A 72 -14.20 -7.60 12.51
N GLU A 73 -13.66 -6.43 12.84
CA GLU A 73 -12.36 -6.38 13.51
C GLU A 73 -12.50 -6.37 15.03
N ALA A 74 -11.96 -7.42 15.64
CA ALA A 74 -12.06 -7.68 17.07
C ALA A 74 -11.72 -6.49 17.95
N ARG A 75 -10.58 -5.85 17.68
CA ARG A 75 -10.08 -4.71 18.45
C ARG A 75 -11.06 -3.54 18.47
N ARG A 76 -11.81 -3.40 17.39
CA ARG A 76 -12.72 -2.26 17.25
C ARG A 76 -14.08 -2.52 17.89
N ILE A 77 -14.37 -3.77 18.25
CA ILE A 77 -15.70 -4.15 18.75
C ILE A 77 -15.82 -4.14 20.28
N LYS A 78 -16.75 -3.33 20.78
CA LYS A 78 -17.10 -3.32 22.20
C LYS A 78 -18.00 -4.49 22.51
N VAL A 79 -17.76 -5.11 23.67
CA VAL A 79 -18.52 -6.26 24.11
C VAL A 79 -19.94 -5.84 24.49
N LYS A 80 -20.90 -6.72 24.24
CA LYS A 80 -22.34 -6.38 24.37
C LYS A 80 -23.12 -7.60 24.80
N ASP A 81 -24.10 -7.40 25.68
CA ASP A 81 -24.82 -8.51 26.31
C ASP A 81 -25.48 -9.44 25.30
N GLY A 82 -25.29 -10.74 25.49
CA GLY A 82 -25.82 -11.75 24.56
C GLY A 82 -24.98 -12.02 23.31
N MET A 83 -23.90 -11.27 23.13
CA MET A 83 -23.01 -11.36 21.96
C MET A 83 -22.51 -12.77 21.63
N LYS A 84 -22.71 -13.19 20.37
CA LYS A 84 -22.25 -14.49 19.85
C LYS A 84 -20.99 -14.36 19.00
N ILE A 85 -19.85 -14.71 19.58
CA ILE A 85 -18.54 -14.56 18.94
C ILE A 85 -17.96 -15.90 18.48
N GLU A 86 -17.48 -15.93 17.24
CA GLU A 86 -16.83 -17.11 16.67
C GLU A 86 -15.59 -16.76 15.86
N ARG A 87 -14.67 -17.73 15.77
CA ARG A 87 -13.49 -17.65 14.92
C ARG A 87 -13.91 -17.88 13.49
N GLN A 88 -13.06 -17.48 12.55
CA GLN A 88 -13.33 -17.61 11.11
C GLN A 88 -12.00 -17.58 10.34
N GLY A 89 -12.07 -17.87 9.04
CA GLY A 89 -10.94 -17.64 8.13
C GLY A 89 -10.52 -16.18 8.08
N TYR A 90 -9.31 -15.92 7.59
CA TYR A 90 -8.81 -14.56 7.47
C TYR A 90 -9.56 -13.74 6.43
N TYR A 91 -9.97 -14.39 5.34
CA TYR A 91 -10.56 -13.75 4.18
C TYR A 91 -12.07 -13.89 4.14
N ASP A 92 -12.66 -14.26 5.26
CA ASP A 92 -14.10 -14.38 5.31
C ASP A 92 -14.76 -13.04 5.57
N PHE A 93 -15.55 -12.62 4.60
CA PHE A 93 -16.25 -11.34 4.66
C PHE A 93 -17.75 -11.52 4.75
N HIS A 94 -18.40 -10.46 5.22
CA HIS A 94 -19.85 -10.37 5.24
C HIS A 94 -20.34 -9.92 3.87
N GLU A 95 -21.57 -10.27 3.53
CA GLU A 95 -22.09 -10.06 2.18
C GLU A 95 -23.08 -8.90 1.96
N GLU A 96 -23.58 -8.27 3.03
CA GLU A 96 -24.52 -7.15 2.93
C GLU A 96 -23.97 -5.84 3.55
N GLU A 103 -24.28 11.18 4.88
CA GLU A 103 -24.52 12.44 5.57
C GLU A 103 -23.16 13.02 5.99
N ILE A 104 -22.39 13.51 5.01
CA ILE A 104 -21.03 14.01 5.26
C ILE A 104 -21.04 15.34 5.99
N GLU A 105 -20.29 15.42 7.07
CA GLU A 105 -20.16 16.63 7.83
C GLU A 105 -18.95 17.40 7.35
N ARG A 106 -19.09 18.72 7.17
CA ARG A 106 -17.96 19.58 6.84
C ARG A 106 -17.68 20.51 8.01
N VAL A 107 -16.48 20.45 8.57
CA VAL A 107 -16.07 21.37 9.64
C VAL A 107 -14.79 22.16 9.28
N VAL A 108 -14.87 23.48 9.42
CA VAL A 108 -13.76 24.40 9.12
C VAL A 108 -13.15 24.87 10.42
N VAL A 109 -11.83 24.89 10.44
CA VAL A 109 -11.08 24.97 11.67
C VAL A 109 -9.73 25.63 11.36
N ASP A 110 -9.07 26.21 12.35
CA ASP A 110 -7.78 26.86 12.09
C ASP A 110 -6.67 25.84 11.91
N VAL A 111 -6.55 24.85 12.81
CA VAL A 111 -5.43 23.95 12.64
C VAL A 111 -5.54 22.42 12.44
N ALA A 112 -6.47 21.69 13.02
CA ALA A 112 -6.40 20.23 12.73
C ALA A 112 -5.09 19.56 13.17
N ILE A 113 -5.12 19.07 14.41
CA ILE A 113 -3.98 18.39 15.00
C ILE A 113 -4.26 16.90 14.91
N ILE A 114 -3.40 16.17 14.19
CA ILE A 114 -3.56 14.72 14.05
C ILE A 114 -2.70 14.00 15.07
N GLY A 115 -3.38 13.37 16.03
CA GLY A 115 -2.71 12.63 17.07
C GLY A 115 -2.94 13.30 18.39
N GLY A 116 -3.43 12.55 19.38
CA GLY A 116 -3.83 13.11 20.68
C GLY A 116 -2.97 12.74 21.88
N GLY A 117 -1.69 12.45 21.66
CA GLY A 117 -0.77 12.22 22.78
C GLY A 117 -0.33 13.56 23.35
N PRO A 118 0.69 13.53 24.23
CA PRO A 118 1.24 14.77 24.82
C PRO A 118 1.58 15.85 23.79
N ALA A 119 2.09 15.45 22.62
CA ALA A 119 2.40 16.42 21.57
C ALA A 119 1.14 17.13 21.11
N GLY A 120 0.12 16.34 20.74
CA GLY A 120 -1.14 16.88 20.26
C GLY A 120 -1.82 17.78 21.27
N ILE A 121 -1.95 17.29 22.50
CA ILE A 121 -2.52 18.08 23.58
C ILE A 121 -1.70 19.36 23.77
N GLY A 122 -0.38 19.20 23.81
CA GLY A 122 0.55 20.32 23.88
C GLY A 122 0.20 21.37 22.86
N ALA A 123 0.12 20.98 21.59
CA ALA A 123 -0.22 21.90 20.51
C ALA A 123 -1.57 22.56 20.75
N ALA A 124 -2.58 21.75 21.08
CA ALA A 124 -3.93 22.24 21.28
C ALA A 124 -3.99 23.27 22.42
N LEU A 125 -3.29 22.98 23.52
CA LEU A 125 -3.25 23.89 24.66
C LEU A 125 -2.67 25.23 24.23
N GLU A 126 -1.50 25.21 23.60
CA GLU A 126 -0.91 26.43 23.06
C GLU A 126 -1.92 27.15 22.16
N LEU A 127 -2.52 26.40 21.23
CA LEU A 127 -3.30 27.01 20.15
C LEU A 127 -4.64 27.63 20.55
N GLN A 128 -5.32 27.05 21.52
CA GLN A 128 -6.69 27.46 21.82
C GLN A 128 -6.73 28.76 22.59
N GLN A 129 -5.56 29.31 22.92
CA GLN A 129 -5.51 30.66 23.45
C GLN A 129 -6.26 31.58 22.49
N TYR A 130 -6.15 31.32 21.20
CA TYR A 130 -6.77 32.20 20.20
C TYR A 130 -7.42 31.51 19.01
N LEU A 131 -7.01 30.28 18.72
CA LEU A 131 -7.44 29.64 17.49
C LEU A 131 -8.40 28.48 17.76
N THR A 132 -9.08 28.02 16.71
CA THR A 132 -9.95 26.86 16.83
C THR A 132 -9.25 25.68 16.21
N VAL A 133 -9.15 24.60 16.99
CA VAL A 133 -8.43 23.42 16.55
C VAL A 133 -9.30 22.18 16.56
N ALA A 134 -8.95 21.24 15.69
CA ALA A 134 -9.46 19.89 15.79
C ALA A 134 -8.36 19.01 16.37
N LEU A 135 -8.67 18.34 17.48
CA LEU A 135 -7.74 17.35 18.01
C LEU A 135 -8.27 15.99 17.60
N ILE A 136 -7.56 15.34 16.67
CA ILE A 136 -8.00 14.08 16.12
C ILE A 136 -7.22 12.93 16.75
N GLU A 137 -7.94 11.92 17.27
CA GLU A 137 -7.32 10.73 17.84
C GLU A 137 -8.16 9.49 17.59
N GLU A 138 -7.53 8.46 17.03
CA GLU A 138 -8.28 7.23 16.73
C GLU A 138 -8.52 6.37 17.96
N ARG A 139 -7.90 6.75 19.08
CA ARG A 139 -7.67 5.82 20.15
C ARG A 139 -8.76 5.69 21.20
N GLY A 140 -9.75 6.55 21.27
CA GLY A 140 -10.74 6.35 22.34
C GLY A 140 -10.40 6.97 23.70
N TRP A 141 -9.11 7.18 23.96
CA TRP A 141 -8.68 8.03 25.06
C TRP A 141 -7.72 9.08 24.57
N LEU A 142 -7.55 10.13 25.35
CA LEU A 142 -6.80 11.26 24.90
C LEU A 142 -5.40 11.36 25.46
N GLY A 143 -4.96 10.43 26.29
CA GLY A 143 -3.53 10.47 26.65
C GLY A 143 -2.75 10.13 25.40
N GLY A 144 -1.48 9.80 25.50
CA GLY A 144 -0.88 9.21 24.31
C GLY A 144 -0.48 7.79 24.55
N ASP A 145 0.78 7.52 24.27
CA ASP A 145 1.45 6.39 24.83
C ASP A 145 1.55 6.59 26.35
N MET A 146 1.37 7.82 26.80
CA MET A 146 1.54 8.20 28.18
C MET A 146 0.48 7.57 29.07
N TRP A 147 -0.72 7.44 28.50
CA TRP A 147 -1.88 6.87 29.19
C TRP A 147 -1.72 5.35 29.39
N LEU A 148 -0.61 4.81 28.89
CA LEU A 148 -0.32 3.39 28.98
C LEU A 148 0.60 3.06 30.14
N LYS A 149 1.00 4.08 30.88
CA LYS A 149 2.08 3.89 31.84
C LYS A 149 1.71 3.87 33.31
N GLY A 150 1.22 4.97 33.85
CA GLY A 150 1.07 5.04 35.31
C GLY A 150 2.35 4.63 36.07
N ILE A 151 3.43 5.35 35.81
CA ILE A 151 4.66 5.34 36.59
C ILE A 151 4.99 6.85 36.64
N LYS A 152 5.59 7.34 37.71
CA LYS A 152 5.96 8.77 37.80
C LYS A 152 6.78 9.13 36.57
N GLN A 153 6.59 10.33 36.02
CA GLN A 153 7.27 10.71 34.77
C GLN A 153 8.13 11.96 34.93
N GLU A 154 9.33 11.95 34.34
CA GLU A 154 10.19 13.13 34.40
C GLU A 154 9.55 14.29 33.65
N GLY A 155 10.10 15.49 33.84
CA GLY A 155 9.47 16.66 33.23
C GLY A 155 8.38 17.17 34.14
N PHE A 156 7.16 16.64 34.01
CA PHE A 156 6.12 16.96 34.99
C PHE A 156 6.30 15.95 36.10
N ASN A 157 7.01 16.30 37.16
CA ASN A 157 7.32 15.32 38.20
C ASN A 157 6.07 14.85 38.91
N LYS A 158 5.41 13.88 38.29
CA LYS A 158 4.02 13.55 38.60
C LYS A 158 3.64 12.29 37.84
N ASP A 159 2.71 11.51 38.40
CA ASP A 159 2.27 10.25 37.79
C ASP A 159 1.75 10.43 36.37
N SER A 160 2.19 9.52 35.49
CA SER A 160 1.89 9.56 34.06
C SER A 160 0.42 9.86 33.75
N ARG A 161 -0.48 9.05 34.30
CA ARG A 161 -1.89 9.15 33.98
C ARG A 161 -2.55 10.36 34.65
N LYS A 162 -1.98 10.81 35.77
CA LYS A 162 -2.44 12.04 36.46
C LYS A 162 -2.18 13.31 35.64
N VAL A 163 -1.04 13.32 34.95
CA VAL A 163 -0.67 14.41 34.05
C VAL A 163 -1.65 14.54 32.87
N VAL A 164 -1.98 13.40 32.26
CA VAL A 164 -2.95 13.36 31.17
C VAL A 164 -4.27 13.98 31.61
N GLU A 165 -4.75 13.59 32.78
CA GLU A 165 -6.03 14.11 33.28
C GLU A 165 -5.97 15.61 33.47
N GLU A 166 -4.88 16.07 34.06
CA GLU A 166 -4.64 17.49 34.22
C GLU A 166 -4.68 18.21 32.86
N LEU A 167 -3.90 17.72 31.90
CA LEU A 167 -3.82 18.32 30.57
C LEU A 167 -5.16 18.33 29.82
N VAL A 168 -5.79 17.18 29.68
CA VAL A 168 -7.13 17.12 29.08
C VAL A 168 -8.07 18.08 29.82
N GLY A 169 -7.97 18.09 31.14
CA GLY A 169 -8.73 18.99 31.97
C GLY A 169 -8.71 20.42 31.46
N LYS A 170 -7.58 20.85 30.90
CA LYS A 170 -7.35 22.25 30.53
C LYS A 170 -7.81 22.64 29.13
N LEU A 171 -8.41 21.71 28.39
CA LEU A 171 -8.84 21.98 27.04
C LEU A 171 -10.12 22.84 26.98
N ASN A 172 -10.08 23.90 26.16
CA ASN A 172 -11.20 24.80 25.87
C ASN A 172 -12.31 24.17 25.10
N GLU A 173 -13.33 25.01 24.85
CA GLU A 173 -14.32 24.79 23.81
C GLU A 173 -13.79 25.24 22.45
N ASN A 174 -12.62 25.89 22.45
CA ASN A 174 -11.88 26.17 21.22
C ASN A 174 -11.25 24.92 20.59
N THR A 175 -11.22 23.83 21.33
CA THR A 175 -10.72 22.54 20.85
C THR A 175 -11.86 21.54 20.69
N LYS A 176 -12.13 21.15 19.45
CA LYS A 176 -13.05 20.06 19.22
C LYS A 176 -12.23 18.79 19.27
N ILE A 177 -12.57 17.92 20.21
CA ILE A 177 -11.89 16.62 20.37
C ILE A 177 -12.63 15.58 19.55
N TYR A 178 -11.89 14.77 18.79
CA TYR A 178 -12.49 13.70 17.99
C TYR A 178 -11.92 12.36 18.41
N LEU A 179 -12.52 11.74 19.42
CA LEU A 179 -12.07 10.42 19.89
C LEU A 179 -12.53 9.35 18.93
N GLU A 180 -11.84 8.20 18.96
CA GLU A 180 -12.15 7.05 18.10
C GLU A 180 -12.27 7.51 16.67
N THR A 181 -11.34 8.37 16.26
CA THR A 181 -11.39 9.00 14.96
C THR A 181 -10.09 8.83 14.14
N SER A 182 -10.21 8.15 13.00
CA SER A 182 -9.07 7.89 12.11
C SER A 182 -8.95 8.92 10.99
N ALA A 183 -7.83 9.63 10.98
CA ALA A 183 -7.50 10.52 9.85
C ALA A 183 -6.98 9.70 8.67
N LEU A 184 -7.48 10.00 7.49
CA LEU A 184 -7.15 9.22 6.31
C LEU A 184 -5.97 9.79 5.52
N GLY A 185 -5.48 10.96 5.94
CA GLY A 185 -4.35 11.55 5.29
C GLY A 185 -4.58 13.03 5.20
N VAL A 186 -3.67 13.72 4.51
CA VAL A 186 -3.70 15.17 4.39
C VAL A 186 -3.61 15.54 2.92
N PHE A 187 -4.47 16.45 2.50
CA PHE A 187 -4.57 16.82 1.08
C PHE A 187 -4.58 18.32 0.94
N ASP A 188 -3.52 18.84 0.32
CA ASP A 188 -3.29 20.27 0.21
C ASP A 188 -4.11 20.82 -0.92
N LYS A 189 -5.03 21.72 -0.60
CA LYS A 189 -5.83 22.40 -1.60
C LYS A 189 -5.34 23.84 -1.78
N GLY A 190 -4.10 24.11 -1.40
CA GLY A 190 -3.54 25.46 -1.53
C GLY A 190 -4.10 26.46 -0.54
N GLU A 191 -5.39 26.74 -0.67
CA GLU A 191 -6.07 27.70 0.19
C GLU A 191 -6.40 27.14 1.56
N TYR A 192 -6.39 25.81 1.66
CA TYR A 192 -6.59 25.09 2.94
C TYR A 192 -6.10 23.64 2.78
N PHE A 193 -6.05 22.89 3.89
CA PHE A 193 -5.79 21.46 3.82
C PHE A 193 -7.05 20.70 4.14
N LEU A 194 -7.26 19.63 3.40
CA LEU A 194 -8.32 18.69 3.69
C LEU A 194 -7.82 17.47 4.49
N VAL A 195 -8.34 17.31 5.71
CA VAL A 195 -8.04 16.12 6.49
C VAL A 195 -9.34 15.38 6.65
N PRO A 196 -9.60 14.42 5.74
CA PRO A 196 -10.77 13.58 5.91
C PRO A 196 -10.58 12.62 7.09
N VAL A 197 -11.65 12.44 7.84
CA VAL A 197 -11.57 11.74 9.11
C VAL A 197 -12.76 10.79 9.21
N VAL A 198 -12.53 9.61 9.79
CA VAL A 198 -13.63 8.64 10.00
C VAL A 198 -13.89 8.37 11.48
N ARG A 199 -15.13 8.58 11.90
CA ARG A 199 -15.50 8.28 13.28
C ARG A 199 -16.79 7.47 13.31
N GLY A 200 -16.79 6.36 14.04
CA GLY A 200 -17.88 5.40 13.97
C GLY A 200 -17.92 4.89 12.55
N ASP A 201 -18.92 5.32 11.80
CA ASP A 201 -18.91 5.08 10.36
C ASP A 201 -19.27 6.32 9.53
N LYS A 202 -19.36 7.48 10.17
CA LYS A 202 -19.55 8.74 9.47
C LYS A 202 -18.20 9.21 8.95
N LEU A 203 -18.19 9.75 7.75
CA LEU A 203 -17.01 10.45 7.26
C LEU A 203 -17.14 11.92 7.63
N ILE A 204 -16.08 12.52 8.17
CA ILE A 204 -16.06 13.95 8.46
C ILE A 204 -14.89 14.57 7.71
N GLU A 205 -15.16 15.67 7.02
CA GLU A 205 -14.12 16.42 6.31
C GLU A 205 -13.69 17.64 7.10
N ILE A 206 -12.43 17.67 7.50
CA ILE A 206 -11.94 18.82 8.23
C ILE A 206 -11.09 19.68 7.30
N LEU A 207 -11.54 20.91 7.10
CA LEU A 207 -10.83 21.88 6.29
C LEU A 207 -10.11 22.78 7.27
N ALA A 208 -8.78 22.79 7.20
CA ALA A 208 -7.99 23.61 8.12
C ALA A 208 -6.92 24.42 7.41
N LYS A 209 -6.57 25.58 7.99
CA LYS A 209 -5.51 26.44 7.45
C LYS A 209 -4.14 25.83 7.69
N ARG A 210 -3.92 25.35 8.91
CA ARG A 210 -2.67 24.70 9.28
C ARG A 210 -2.94 23.26 9.62
N VAL A 211 -1.93 22.39 9.56
CA VAL A 211 -2.02 21.08 10.20
C VAL A 211 -0.77 20.78 11.02
N VAL A 212 -0.96 20.08 12.12
CA VAL A 212 0.18 19.48 12.80
C VAL A 212 0.03 17.96 12.90
N LEU A 213 1.05 17.26 12.42
CA LEU A 213 1.19 15.83 12.64
C LEU A 213 1.81 15.56 14.02
N ALA A 214 0.98 15.20 14.98
CA ALA A 214 1.42 14.84 16.33
C ALA A 214 1.15 13.35 16.47
N THR A 215 1.85 12.61 15.62
CA THR A 215 1.33 11.38 15.07
C THR A 215 1.88 10.16 15.82
N GLY A 216 3.02 10.36 16.48
CA GLY A 216 3.60 9.36 17.36
C GLY A 216 4.63 8.44 16.72
N ALA A 217 5.22 7.63 17.59
CA ALA A 217 6.11 6.55 17.21
C ALA A 217 5.37 5.24 17.39
N ILE A 218 5.81 4.20 16.72
CA ILE A 218 5.24 2.88 16.95
C ILE A 218 6.33 1.93 17.47
N ASP A 219 5.93 0.92 18.24
CA ASP A 219 6.85 -0.06 18.80
C ASP A 219 7.44 -0.91 17.69
N SER A 220 8.75 -1.13 17.77
CA SER A 220 9.46 -1.93 16.78
C SER A 220 9.07 -3.39 16.93
N THR A 221 9.05 -4.13 15.84
CA THR A 221 8.78 -5.55 15.99
C THR A 221 10.05 -6.41 15.95
N MET A 222 10.21 -7.25 16.97
CA MET A 222 11.33 -8.18 17.13
C MET A 222 11.15 -9.40 16.27
N LEU A 223 12.24 -9.81 15.65
CA LEU A 223 12.26 -10.98 14.82
C LEU A 223 12.79 -12.16 15.63
N PHE A 224 11.90 -13.09 15.97
CA PHE A 224 12.28 -14.39 16.55
C PHE A 224 11.29 -15.40 16.03
N GLU A 225 11.44 -16.67 16.35
CA GLU A 225 10.64 -17.70 15.67
C GLU A 225 9.09 -17.51 15.64
N ASN A 226 8.29 -18.00 16.57
CA ASN A 226 6.85 -17.78 16.34
C ASN A 226 6.33 -16.43 16.83
N ASN A 227 6.99 -15.35 16.45
CA ASN A 227 6.68 -14.00 16.96
C ASN A 227 5.26 -13.48 16.73
N ASP A 228 4.43 -14.26 16.07
CA ASP A 228 3.08 -13.83 15.72
C ASP A 228 2.03 -14.62 16.49
N MET A 229 2.47 -15.65 17.18
CA MET A 229 1.55 -16.63 17.80
C MET A 229 0.78 -16.01 18.95
N PRO A 230 -0.35 -16.61 19.33
CA PRO A 230 -1.15 -16.02 20.41
C PRO A 230 -0.40 -16.04 21.75
N GLY A 231 -0.55 -14.95 22.50
CA GLY A 231 0.17 -14.80 23.75
C GLY A 231 1.52 -14.12 23.59
N VAL A 232 1.79 -13.56 22.41
CA VAL A 232 2.88 -12.59 22.33
C VAL A 232 2.29 -11.21 22.30
N PHE A 233 2.82 -10.36 23.16
CA PHE A 233 2.36 -9.00 23.33
C PHE A 233 3.49 -8.05 22.95
N ARG A 234 3.19 -7.13 22.03
CA ARG A 234 4.05 -6.00 21.77
C ARG A 234 3.94 -5.05 22.97
N ARG A 235 5.00 -4.29 23.25
CA ARG A 235 5.04 -3.44 24.45
C ARG A 235 3.75 -2.71 24.72
N ASP A 236 3.32 -1.88 23.76
CA ASP A 236 2.10 -1.07 23.87
C ASP A 236 0.82 -1.84 24.23
N PHE A 237 0.69 -3.08 23.74
CA PHE A 237 -0.52 -3.84 23.99
C PHE A 237 -0.52 -4.41 25.39
N ALA A 238 0.66 -4.82 25.85
CA ALA A 238 0.82 -5.33 27.21
C ALA A 238 0.51 -4.24 28.22
N LEU A 239 1.04 -3.04 27.99
CA LEU A 239 0.76 -1.91 28.85
C LEU A 239 -0.72 -1.53 28.79
N GLU A 240 -1.31 -1.58 27.60
CA GLU A 240 -2.71 -1.24 27.48
C GLU A 240 -3.58 -2.14 28.34
N VAL A 241 -3.46 -3.45 28.17
CA VAL A 241 -4.31 -4.39 28.89
C VAL A 241 -4.11 -4.30 30.41
N MET A 242 -2.87 -4.07 30.83
CA MET A 242 -2.54 -3.97 32.24
C MET A 242 -3.06 -2.66 32.84
N ASN A 243 -2.72 -1.55 32.19
CA ASN A 243 -2.98 -0.23 32.73
C ASN A 243 -4.31 0.42 32.35
N VAL A 244 -4.77 0.24 31.11
CA VAL A 244 -6.03 0.86 30.67
C VAL A 244 -7.23 0.02 31.11
N TRP A 245 -7.27 -1.21 30.63
CA TRP A 245 -8.15 -2.26 31.14
C TRP A 245 -7.32 -2.76 32.29
N GLU A 246 -7.86 -3.55 33.20
CA GLU A 246 -6.93 -4.00 34.21
C GLU A 246 -6.88 -5.50 34.16
N VAL A 247 -6.14 -5.97 33.18
CA VAL A 247 -6.04 -7.39 32.87
C VAL A 247 -4.58 -7.77 32.61
N ALA A 248 -4.14 -8.87 33.20
CA ALA A 248 -2.78 -9.37 33.03
C ALA A 248 -2.59 -10.05 31.67
N PRO A 249 -1.42 -9.87 31.04
CA PRO A 249 -1.07 -10.66 29.86
C PRO A 249 -1.08 -12.15 30.13
N GLY A 250 -0.75 -12.56 31.35
CA GLY A 250 -0.74 -13.97 31.72
C GLY A 250 -0.36 -14.10 33.18
N ARG A 251 -0.43 -15.32 33.72
CA ARG A 251 -0.10 -15.53 35.14
C ARG A 251 1.40 -15.39 35.41
N LYS A 252 2.22 -15.81 34.45
CA LYS A 252 3.67 -15.75 34.56
C LYS A 252 4.23 -15.41 33.17
N VAL A 253 5.06 -14.38 33.11
CA VAL A 253 5.29 -13.67 31.86
C VAL A 253 6.78 -13.56 31.50
N ALA A 254 7.14 -13.94 30.28
CA ALA A 254 8.51 -13.68 29.81
C ALA A 254 8.60 -12.26 29.23
N VAL A 255 9.73 -11.60 29.48
CA VAL A 255 9.96 -10.23 28.99
C VAL A 255 11.28 -10.14 28.28
N THR A 256 11.29 -9.48 27.12
CA THR A 256 12.49 -9.38 26.29
C THR A 256 12.60 -8.04 25.54
N GLY A 257 13.74 -7.78 24.92
CA GLY A 257 13.96 -6.52 24.20
C GLY A 257 14.78 -5.53 25.00
N SER A 258 15.23 -4.46 24.36
CA SER A 258 16.15 -3.52 24.99
C SER A 258 15.47 -2.43 25.84
N LYS A 259 14.14 -2.37 25.81
CA LYS A 259 13.43 -1.45 26.69
C LYS A 259 12.56 -2.25 27.65
N ALA A 260 13.06 -3.43 28.01
CA ALA A 260 12.36 -4.37 28.88
C ALA A 260 12.10 -3.83 30.28
N ASP A 261 12.92 -2.88 30.73
CA ASP A 261 12.72 -2.28 32.05
C ASP A 261 11.41 -1.52 32.19
N GLU A 262 10.99 -0.84 31.13
CA GLU A 262 9.72 -0.11 31.16
C GLU A 262 8.61 -1.09 31.51
N VAL A 263 8.65 -2.25 30.86
CA VAL A 263 7.66 -3.30 31.07
C VAL A 263 7.80 -3.94 32.46
N ILE A 264 9.02 -4.29 32.86
CA ILE A 264 9.27 -4.93 34.15
C ILE A 264 8.76 -4.08 35.31
N GLN A 265 8.96 -2.77 35.22
CA GLN A 265 8.43 -1.84 36.20
C GLN A 265 6.92 -1.86 36.36
N GLU A 266 6.22 -2.06 35.26
CA GLU A 266 4.78 -2.23 35.30
C GLU A 266 4.39 -3.55 35.90
N LEU A 267 5.13 -4.60 35.54
CA LEU A 267 4.87 -5.94 36.04
C LEU A 267 5.01 -5.97 37.55
N GLU A 268 6.06 -5.31 38.02
CA GLU A 268 6.37 -5.25 39.43
C GLU A 268 5.33 -4.46 40.18
N ARG A 269 4.89 -3.37 39.59
CA ARG A 269 3.84 -2.57 40.19
C ARG A 269 2.61 -3.45 40.42
N TRP A 270 2.20 -4.20 39.40
CA TRP A 270 0.99 -5.02 39.47
C TRP A 270 1.23 -6.37 40.16
N GLY A 271 2.48 -6.63 40.49
CA GLY A 271 2.84 -7.89 41.15
C GLY A 271 2.62 -9.09 40.26
N ILE A 272 2.94 -8.95 38.97
CA ILE A 272 2.84 -10.06 38.03
C ILE A 272 4.21 -10.69 37.87
N ASP A 273 4.31 -11.97 38.22
CA ASP A 273 5.56 -12.72 38.12
C ASP A 273 6.08 -12.84 36.68
N TYR A 274 7.40 -12.85 36.51
CA TYR A 274 8.00 -12.80 35.18
C TYR A 274 9.45 -13.31 35.14
N VAL A 275 9.96 -13.66 33.95
CA VAL A 275 11.40 -13.87 33.69
C VAL A 275 11.87 -12.90 32.62
N HIS A 276 13.13 -12.48 32.73
CA HIS A 276 13.77 -11.55 31.79
C HIS A 276 14.70 -12.35 30.86
N ILE A 277 14.29 -12.53 29.61
CA ILE A 277 15.07 -13.29 28.62
C ILE A 277 15.71 -12.31 27.64
N PRO A 278 16.99 -11.97 27.84
CA PRO A 278 17.58 -10.92 27.02
C PRO A 278 17.58 -11.22 25.52
N ASN A 279 17.60 -12.49 25.14
CA ASN A 279 17.76 -12.87 23.74
C ASN A 279 16.90 -14.07 23.33
N VAL A 280 15.70 -13.79 22.83
CA VAL A 280 14.75 -14.84 22.49
C VAL A 280 15.00 -15.40 21.10
N LYS A 281 15.08 -16.74 21.03
CA LYS A 281 15.13 -17.49 19.77
C LYS A 281 13.74 -17.95 19.31
N ARG A 282 12.96 -18.51 20.22
CA ARG A 282 11.69 -19.14 19.85
C ARG A 282 10.63 -19.07 20.95
N VAL A 283 9.36 -19.00 20.54
CA VAL A 283 8.24 -19.28 21.41
C VAL A 283 7.45 -20.48 20.85
N GLU A 284 6.92 -21.31 21.75
CA GLU A 284 6.17 -22.51 21.36
C GLU A 284 4.87 -22.65 22.15
N GLY A 285 3.99 -23.51 21.65
CA GLY A 285 2.72 -23.81 22.31
C GLY A 285 1.67 -24.17 21.29
N ASN A 286 0.63 -24.90 21.72
CA ASN A 286 -0.46 -25.28 20.83
C ASN A 286 -1.32 -24.05 20.48
N GLU A 287 -2.26 -23.72 21.34
CA GLU A 287 -3.09 -22.57 21.06
C GLU A 287 -2.36 -21.29 21.42
N LYS A 288 -1.58 -21.31 22.48
CA LYS A 288 -0.94 -20.12 23.03
C LYS A 288 0.53 -20.40 23.32
N VAL A 289 1.28 -19.39 23.76
CA VAL A 289 2.66 -19.65 24.21
C VAL A 289 2.66 -20.48 25.49
N GLU A 290 3.61 -21.39 25.63
CA GLU A 290 3.80 -22.10 26.89
C GLU A 290 5.28 -22.29 27.28
N ARG A 291 6.17 -22.05 26.32
CA ARG A 291 7.62 -22.01 26.55
C ARG A 291 8.30 -20.93 25.69
N VAL A 292 9.32 -20.26 26.21
CA VAL A 292 10.27 -19.56 25.34
C VAL A 292 11.68 -20.13 25.46
N ILE A 293 12.35 -20.20 24.31
CA ILE A 293 13.68 -20.74 24.19
C ILE A 293 14.64 -19.60 23.85
N ASP A 294 15.77 -19.49 24.55
CA ASP A 294 16.75 -18.44 24.23
C ASP A 294 17.81 -18.89 23.22
N MET A 295 18.75 -18.01 22.89
CA MET A 295 19.80 -18.31 21.90
C MET A 295 20.77 -19.38 22.37
N ASN A 296 20.75 -19.70 23.66
CA ASN A 296 21.55 -20.80 24.17
C ASN A 296 20.69 -22.01 24.47
N ASN A 297 19.51 -22.06 23.87
CA ASN A 297 18.58 -23.20 23.99
C ASN A 297 18.03 -23.49 25.38
N HIS A 298 18.06 -22.49 26.27
CA HIS A 298 17.40 -22.64 27.57
C HIS A 298 15.90 -22.43 27.40
N GLU A 299 15.10 -23.26 28.07
CA GLU A 299 13.63 -23.13 28.02
C GLU A 299 13.10 -22.48 29.28
N TYR A 300 12.01 -21.75 29.15
CA TYR A 300 11.31 -21.21 30.31
C TYR A 300 9.85 -21.42 30.08
N LYS A 301 9.14 -21.86 31.12
CA LYS A 301 7.70 -22.00 31.02
C LYS A 301 7.04 -20.70 31.41
N VAL A 302 6.13 -20.22 30.57
CA VAL A 302 5.41 -18.93 30.75
C VAL A 302 4.09 -18.94 29.96
N ASP A 303 3.21 -17.98 30.24
CA ASP A 303 1.92 -17.87 29.54
C ASP A 303 1.90 -16.86 28.44
N ALA A 304 2.88 -15.97 28.47
CA ALA A 304 2.95 -14.86 27.54
C ALA A 304 4.40 -14.42 27.43
N LEU A 305 4.71 -13.81 26.30
CA LEU A 305 5.98 -13.14 26.11
C LEU A 305 5.66 -11.68 25.78
N ILE A 306 6.36 -10.75 26.44
CA ILE A 306 6.23 -9.33 26.13
C ILE A 306 7.57 -8.83 25.62
N PHE A 307 7.57 -8.25 24.43
CA PHE A 307 8.80 -7.68 23.89
C PHE A 307 8.72 -6.16 23.79
N ALA A 308 9.82 -5.49 24.13
CA ALA A 308 9.90 -4.03 24.08
C ALA A 308 11.27 -3.62 23.56
N ASP A 309 11.36 -3.39 22.25
CA ASP A 309 12.65 -3.20 21.60
C ASP A 309 12.83 -1.78 21.06
N GLY A 310 12.04 -0.84 21.58
CA GLY A 310 12.15 0.56 21.20
C GLY A 310 11.06 0.99 20.26
N ARG A 311 10.65 2.24 20.36
CA ARG A 311 9.70 2.84 19.42
C ARG A 311 10.45 3.65 18.36
N ARG A 312 9.85 3.75 17.18
CA ARG A 312 10.40 4.49 16.03
C ARG A 312 9.28 5.36 15.51
N PRO A 313 9.59 6.58 15.04
CA PRO A 313 8.52 7.44 14.52
C PRO A 313 7.72 6.73 13.43
N ASP A 314 6.41 6.85 13.51
CA ASP A 314 5.54 6.37 12.45
C ASP A 314 5.72 7.34 11.27
N ILE A 315 6.27 6.84 10.18
CA ILE A 315 6.64 7.70 9.06
C ILE A 315 5.55 7.83 8.01
N ASN A 316 4.55 6.95 8.05
CA ASN A 316 3.43 6.98 7.09
C ASN A 316 2.75 8.35 6.97
N PRO A 317 2.17 8.89 8.06
CA PRO A 317 1.48 10.15 7.87
C PRO A 317 2.43 11.22 7.32
N ILE A 318 3.69 11.18 7.74
CA ILE A 318 4.69 12.11 7.24
C ILE A 318 4.83 12.08 5.71
N THR A 319 5.05 10.88 5.15
CA THR A 319 5.34 10.76 3.73
C THR A 319 4.11 10.94 2.86
N GLN A 320 2.93 10.56 3.37
CA GLN A 320 1.70 10.84 2.64
C GLN A 320 1.42 12.34 2.64
N ALA A 321 1.79 13.03 3.71
CA ALA A 321 1.67 14.48 3.77
C ALA A 321 2.69 15.14 2.82
N GLY A 322 3.61 14.31 2.30
CA GLY A 322 4.56 14.77 1.31
C GLY A 322 5.90 15.15 1.91
N GLY A 323 6.16 14.71 3.14
CA GLY A 323 7.46 14.93 3.81
C GLY A 323 8.53 13.96 3.34
N LYS A 324 9.79 14.31 3.60
CA LYS A 324 10.93 13.48 3.22
C LYS A 324 11.64 12.98 4.46
N LEU A 325 12.39 11.90 4.30
CA LEU A 325 12.97 11.21 5.45
C LEU A 325 14.49 11.28 5.52
N ARG A 326 14.99 11.04 6.71
CA ARG A 326 16.40 11.08 7.04
C ARG A 326 16.67 9.88 7.96
N PHE A 327 17.78 9.18 7.79
CA PHE A 327 18.15 8.16 8.76
C PHE A 327 19.18 8.70 9.74
N ARG A 328 18.83 8.69 11.02
CA ARG A 328 19.71 9.14 12.11
C ARG A 328 19.30 8.52 13.44
N ARG A 329 20.31 8.18 14.24
CA ARG A 329 20.12 7.64 15.58
C ARG A 329 19.39 6.32 15.57
N GLY A 330 19.57 5.55 14.51
CA GLY A 330 19.01 4.22 14.42
C GLY A 330 17.58 4.16 13.89
N TYR A 331 17.08 5.27 13.37
CA TYR A 331 15.70 5.33 12.85
C TYR A 331 15.43 6.42 11.86
N TYR A 332 14.39 6.24 11.06
CA TYR A 332 13.98 7.22 10.08
C TYR A 332 13.19 8.37 10.67
N SER A 333 13.59 9.59 10.31
CA SER A 333 12.92 10.77 10.82
C SER A 333 12.45 11.70 9.71
N PRO A 334 11.49 12.58 10.05
CA PRO A 334 11.09 13.63 9.12
C PRO A 334 12.22 14.66 8.90
N VAL A 335 12.37 15.14 7.67
CA VAL A 335 13.29 16.23 7.42
C VAL A 335 12.48 17.49 7.65
N LEU A 336 12.94 18.33 8.56
CA LEU A 336 12.21 19.53 8.93
C LEU A 336 13.01 20.76 8.57
N ASP A 337 12.33 21.83 8.22
CA ASP A 337 13.01 23.11 8.14
C ASP A 337 13.27 23.59 9.57
N GLU A 338 13.68 24.84 9.70
CA GLU A 338 14.05 25.42 10.98
C GLU A 338 12.83 25.71 11.86
N TYR A 339 11.63 25.45 11.35
CA TYR A 339 10.40 25.71 12.08
C TYR A 339 9.54 24.47 12.33
N HIS A 340 10.16 23.29 12.29
CA HIS A 340 9.48 22.00 12.46
C HIS A 340 8.43 21.73 11.38
N ARG A 341 8.72 22.18 10.17
CA ARG A 341 7.81 21.97 9.06
C ARG A 341 8.32 20.96 8.08
N ILE A 342 7.38 20.12 7.68
CA ILE A 342 7.59 19.07 6.72
C ILE A 342 7.55 19.68 5.33
N LYS A 343 6.83 20.80 5.22
CA LYS A 343 6.34 21.38 3.98
C LYS A 343 5.60 22.62 4.49
N ASP A 344 5.40 23.62 3.63
CA ASP A 344 4.73 24.82 4.10
C ASP A 344 3.36 24.49 4.66
N GLY A 345 3.14 24.86 5.91
CA GLY A 345 1.83 24.76 6.51
C GLY A 345 1.56 23.47 7.27
N ILE A 346 2.45 22.49 7.14
CA ILE A 346 2.33 21.24 7.89
C ILE A 346 3.44 21.07 8.91
N TYR A 347 3.09 21.16 10.18
CA TYR A 347 4.08 21.04 11.23
C TYR A 347 4.15 19.61 11.74
N VAL A 348 5.32 19.23 12.26
CA VAL A 348 5.46 17.91 12.88
C VAL A 348 5.93 18.08 14.33
N ALA A 349 5.28 17.39 15.26
CA ALA A 349 5.70 17.46 16.68
C ALA A 349 5.53 16.16 17.45
N GLY A 350 6.46 15.93 18.38
CA GLY A 350 6.42 14.77 19.27
C GLY A 350 7.38 13.64 18.93
N SER A 351 6.93 12.41 19.19
CA SER A 351 7.73 11.22 18.92
C SER A 351 7.64 10.86 17.44
N ALA A 352 6.85 11.64 16.71
CA ALA A 352 6.87 11.62 15.25
C ALA A 352 8.16 12.25 14.75
N VAL A 353 8.72 13.18 15.53
CA VAL A 353 9.93 13.90 15.14
C VAL A 353 11.13 13.08 15.55
N SER A 354 11.16 12.70 16.84
CA SER A 354 12.26 11.94 17.41
C SER A 354 11.85 11.31 18.74
N ILE A 355 12.62 10.31 19.17
CA ILE A 355 12.38 9.59 20.42
C ILE A 355 13.01 10.38 21.54
N LYS A 356 12.20 10.68 22.55
CA LYS A 356 12.60 11.48 23.72
C LYS A 356 11.47 11.42 24.76
N PRO A 357 11.74 11.85 26.01
CA PRO A 357 10.74 11.77 27.09
C PRO A 357 9.40 12.45 26.75
N HIS A 358 8.32 11.99 27.39
CA HIS A 358 6.98 12.54 27.15
C HIS A 358 6.98 14.05 27.27
N TYR A 359 7.57 14.57 28.32
CA TYR A 359 7.60 16.00 28.55
C TYR A 359 8.19 16.78 27.37
N ALA A 360 9.21 16.22 26.74
CA ALA A 360 9.87 16.87 25.62
C ALA A 360 8.90 16.97 24.45
N ASN A 361 8.17 15.88 24.21
CA ASN A 361 7.23 15.82 23.10
C ASN A 361 6.08 16.78 23.35
N TYR A 362 5.73 16.93 24.63
CA TYR A 362 4.75 17.92 25.07
C TYR A 362 5.22 19.33 24.71
N LEU A 363 6.49 19.65 25.01
CA LEU A 363 7.05 20.94 24.70
C LEU A 363 7.06 21.19 23.19
N GLU A 364 7.46 20.17 22.44
CA GLU A 364 7.55 20.29 20.99
C GLU A 364 6.18 20.63 20.38
N GLY A 365 5.12 20.08 20.96
CA GLY A 365 3.76 20.39 20.52
C GLY A 365 3.39 21.83 20.77
N LYS A 366 3.73 22.33 21.97
CA LYS A 366 3.58 23.73 22.32
C LYS A 366 4.41 24.58 21.35
N LEU A 367 5.64 24.11 21.05
CA LEU A 367 6.55 24.84 20.17
C LEU A 367 5.88 25.03 18.82
N VAL A 368 5.46 23.91 18.24
CA VAL A 368 4.80 23.88 16.95
C VAL A 368 3.51 24.72 16.94
N GLY A 369 2.72 24.65 18.00
CA GLY A 369 1.51 25.47 18.13
C GLY A 369 1.82 26.96 18.20
N ALA A 370 2.90 27.31 18.90
CA ALA A 370 3.36 28.70 18.99
C ALA A 370 3.80 29.28 17.64
N TYR A 371 4.53 28.51 16.83
CA TYR A 371 4.91 28.98 15.50
C TYR A 371 3.69 29.37 14.67
N ILE A 372 2.67 28.51 14.70
CA ILE A 372 1.51 28.77 13.86
C ILE A 372 0.71 29.96 14.45
N LEU A 373 0.71 30.08 15.77
CA LEU A 373 0.12 31.22 16.46
C LEU A 373 0.80 32.53 16.02
N LYS A 374 2.13 32.47 15.87
CA LYS A 374 2.91 33.59 15.34
C LYS A 374 2.54 33.83 13.89
N GLU A 375 2.50 32.78 13.08
CA GLU A 375 1.99 32.88 11.71
C GLU A 375 0.67 33.64 11.63
N PHE A 376 -0.21 33.44 12.60
CA PHE A 376 -1.57 34.00 12.60
C PHE A 376 -1.63 35.43 13.12
N GLY A 377 -0.49 35.94 13.57
CA GLY A 377 -0.34 37.31 14.04
C GLY A 377 -0.38 37.51 15.55
N TYR A 378 -0.60 36.42 16.29
CA TYR A 378 -0.65 36.51 17.75
C TYR A 378 0.76 36.56 18.27
N ASP A 379 0.92 37.13 19.46
CA ASP A 379 2.26 37.28 19.98
C ASP A 379 2.60 36.07 20.82
N ALA A 380 3.29 35.11 20.19
CA ALA A 380 3.71 33.91 20.90
C ALA A 380 5.23 33.83 20.91
N GLN A 381 5.74 32.91 21.71
CA GLN A 381 7.12 32.93 22.10
C GLN A 381 7.61 31.50 21.90
N PRO A 382 7.77 31.09 20.63
CA PRO A 382 8.07 29.67 20.42
C PRO A 382 9.42 29.28 21.01
N CYS A 383 10.33 30.26 21.07
CA CYS A 383 11.68 30.00 21.51
C CYS A 383 11.81 29.56 22.98
N ILE A 384 10.87 29.92 23.87
CA ILE A 384 11.00 29.42 25.24
C ILE A 384 10.81 27.93 25.25
N TYR A 385 10.01 27.42 24.34
CA TYR A 385 9.87 25.99 24.17
C TYR A 385 11.09 25.40 23.47
N GLU A 386 11.56 26.08 22.43
CA GLU A 386 12.82 25.73 21.79
C GLU A 386 13.93 25.43 22.79
N GLU A 387 14.22 26.38 23.67
CA GLU A 387 15.37 26.26 24.58
C GLU A 387 15.14 25.20 25.67
N LYS A 388 13.89 25.02 26.09
CA LYS A 388 13.52 23.88 26.95
C LYS A 388 13.77 22.53 26.26
N LEU A 389 13.49 22.45 24.96
CA LEU A 389 13.69 21.21 24.19
C LEU A 389 15.13 20.71 24.11
N ARG A 390 16.06 21.62 23.86
CA ARG A 390 17.50 21.34 23.83
C ARG A 390 18.04 20.62 25.08
N GLU A 391 17.32 20.71 26.18
CA GLU A 391 17.70 20.05 27.43
C GLU A 391 17.55 18.53 27.29
N TYR A 392 17.00 18.10 26.16
CA TYR A 392 16.70 16.69 25.92
C TYR A 392 17.36 16.18 24.64
N GLU A 393 18.41 15.40 24.79
CA GLU A 393 19.05 14.80 23.64
C GLU A 393 18.15 13.68 23.18
N PRO A 394 17.80 13.68 21.88
CA PRO A 394 17.01 12.59 21.31
C PRO A 394 17.72 11.24 21.42
N GLU A 395 16.97 10.21 21.80
CA GLU A 395 17.49 8.84 22.01
C GLU A 395 17.89 8.13 20.74
N SER A 396 18.87 7.23 20.85
CA SER A 396 19.26 6.35 19.75
C SER A 396 18.61 4.98 19.89
N LEU A 397 18.65 4.22 18.81
CA LEU A 397 18.26 2.83 18.84
C LEU A 397 19.35 2.03 18.19
N SER A 398 19.76 0.96 18.86
CA SER A 398 20.66 -0.01 18.26
C SER A 398 19.99 -0.62 17.04
N ILE A 399 20.77 -0.81 15.99
CA ILE A 399 20.29 -1.52 14.83
C ILE A 399 20.49 -3.01 15.09
N PRO A 400 19.40 -3.80 14.97
CA PRO A 400 19.44 -5.26 15.25
C PRO A 400 20.26 -6.08 14.25
N ARG A 401 21.22 -6.87 14.73
CA ARG A 401 21.80 -7.92 13.89
C ARG A 401 20.91 -9.14 14.06
N ILE A 402 20.08 -9.38 13.06
CA ILE A 402 19.22 -10.56 13.03
C ILE A 402 20.10 -11.78 12.74
N PRO A 403 20.19 -12.71 13.69
CA PRO A 403 20.99 -13.91 13.44
C PRO A 403 20.28 -14.86 12.46
N LEU A 404 20.33 -14.52 11.17
CA LEU A 404 19.61 -15.22 10.10
C LEU A 404 20.01 -16.69 10.00
N ASP A 405 21.32 -16.93 9.96
CA ASP A 405 21.90 -18.26 9.98
C ASP A 405 21.42 -19.13 11.17
N LYS A 406 21.18 -18.50 12.32
CA LYS A 406 20.81 -19.23 13.54
C LYS A 406 19.28 -19.48 13.71
N PHE A 407 18.47 -18.86 12.86
CA PHE A 407 17.01 -19.02 12.90
C PHE A 407 16.53 -20.06 11.92
N ASN A 408 15.42 -20.71 12.25
CA ASN A 408 14.62 -21.40 11.25
C ASN A 408 13.64 -20.39 10.61
N LEU A 409 14.06 -19.91 9.44
CA LEU A 409 13.54 -18.68 8.85
C LEU A 409 12.06 -18.66 8.53
N GLU A 410 11.51 -19.81 8.14
CA GLU A 410 10.09 -19.88 7.80
C GLU A 410 9.17 -19.75 9.02
N ASP A 411 9.72 -19.83 10.22
CA ASP A 411 8.93 -19.65 11.43
C ASP A 411 8.88 -18.22 11.93
N VAL A 412 9.90 -17.43 11.57
CA VAL A 412 9.97 -16.01 11.98
C VAL A 412 9.28 -15.09 10.97
N GLN A 413 8.25 -14.40 11.45
CA GLN A 413 7.35 -13.64 10.60
C GLN A 413 7.77 -12.20 10.51
N ILE A 414 7.84 -11.69 9.29
CA ILE A 414 8.26 -10.31 9.10
C ILE A 414 7.07 -9.35 9.07
N CYS A 415 6.07 -9.62 8.22
CA CYS A 415 4.85 -8.78 8.20
C CYS A 415 3.62 -9.52 8.72
N GLY A 416 2.52 -8.77 8.80
CA GLY A 416 1.25 -9.29 9.27
C GLY A 416 0.66 -10.39 8.39
N CYS A 417 0.75 -10.24 7.06
CA CYS A 417 -0.10 -11.05 6.15
C CYS A 417 0.37 -12.51 6.04
N ASP A 418 0.98 -12.88 4.91
CA ASP A 418 1.67 -14.17 4.81
C ASP A 418 3.06 -13.88 5.34
N VAL A 419 4.04 -13.92 4.45
CA VAL A 419 5.33 -13.23 4.62
C VAL A 419 6.19 -13.65 5.82
N SER A 420 6.95 -14.73 5.61
CA SER A 420 8.00 -15.15 6.54
C SER A 420 9.32 -14.45 6.21
N LEU A 421 10.25 -14.47 7.16
CA LEU A 421 11.56 -13.90 6.93
C LEU A 421 12.25 -14.68 5.82
N LYS A 422 11.88 -15.95 5.68
CA LYS A 422 12.45 -16.80 4.65
C LYS A 422 12.11 -16.30 3.25
N LYS A 423 10.84 -15.97 3.02
CA LYS A 423 10.38 -15.43 1.73
C LYS A 423 11.18 -14.21 1.32
N VAL A 424 11.40 -13.30 2.28
CA VAL A 424 12.14 -12.07 2.03
C VAL A 424 13.61 -12.37 1.76
N ASP A 425 14.18 -13.22 2.62
CA ASP A 425 15.56 -13.63 2.50
C ASP A 425 15.82 -14.29 1.14
N GLU A 426 14.93 -15.19 0.73
CA GLU A 426 14.99 -15.84 -0.58
C GLU A 426 15.19 -14.82 -1.71
N VAL A 427 14.29 -13.84 -1.83
CA VAL A 427 14.34 -12.89 -2.94
C VAL A 427 15.63 -12.06 -2.91
N ILE A 428 16.09 -11.72 -1.70
CA ILE A 428 17.33 -10.98 -1.56
C ILE A 428 18.48 -11.84 -2.07
N ARG A 429 18.49 -13.10 -1.65
CA ARG A 429 19.47 -14.05 -2.12
C ARG A 429 19.51 -14.17 -3.64
N LYS A 430 18.35 -14.05 -4.30
CA LYS A 430 18.29 -14.05 -5.78
C LYS A 430 18.67 -12.70 -6.45
N GLY A 431 19.26 -11.78 -5.68
CA GLY A 431 19.82 -10.52 -6.22
C GLY A 431 19.04 -9.23 -6.02
N ILE A 432 17.76 -9.36 -5.71
CA ILE A 432 16.87 -8.21 -5.54
C ILE A 432 17.09 -7.47 -4.21
N THR A 433 17.41 -6.19 -4.31
CA THR A 433 17.74 -5.39 -3.14
C THR A 433 16.82 -4.18 -2.99
N ASP A 434 16.18 -3.79 -4.08
CA ASP A 434 15.20 -2.70 -4.13
C ASP A 434 13.93 -3.14 -3.39
N LEU A 435 13.60 -2.43 -2.31
CA LEU A 435 12.42 -2.73 -1.50
C LEU A 435 11.13 -2.61 -2.30
N GLN A 436 11.14 -1.75 -3.31
CA GLN A 436 10.02 -1.61 -4.21
C GLN A 436 9.70 -3.00 -4.78
N ILE A 437 10.74 -3.72 -5.22
CA ILE A 437 10.55 -5.02 -5.83
C ILE A 437 10.24 -6.09 -4.80
N ILE A 438 10.94 -6.04 -3.67
CA ILE A 438 10.72 -6.94 -2.54
C ILE A 438 9.27 -6.85 -2.09
N LYS A 439 8.78 -5.62 -1.98
CA LYS A 439 7.39 -5.36 -1.66
C LYS A 439 6.44 -6.14 -2.56
N ARG A 440 6.78 -6.21 -3.84
CA ARG A 440 5.88 -6.80 -4.83
C ARG A 440 6.02 -8.31 -4.90
N LEU A 441 7.25 -8.81 -4.82
CA LEU A 441 7.53 -10.25 -4.96
C LEU A 441 6.99 -11.05 -3.78
N THR A 442 7.51 -10.75 -2.59
CA THR A 442 6.86 -11.12 -1.33
C THR A 442 5.78 -10.08 -1.17
N HIS A 443 4.81 -10.28 -0.29
CA HIS A 443 3.84 -9.20 -0.06
C HIS A 443 4.18 -8.29 1.13
N LEU A 444 5.47 -8.12 1.41
CA LEU A 444 5.92 -7.33 2.56
C LEU A 444 5.44 -5.88 2.41
N ALA A 445 4.80 -5.37 3.47
CA ALA A 445 4.27 -3.99 3.52
C ALA A 445 3.03 -3.72 2.62
N MET A 446 2.35 -4.78 2.22
CA MET A 446 1.11 -4.70 1.43
C MET A 446 -0.08 -5.19 2.29
N GLY A 447 0.20 -5.37 3.66
CA GLY A 447 -0.85 -6.07 4.47
C GLY A 447 -1.62 -4.90 5.09
N PHE A 448 -2.39 -5.16 6.17
CA PHE A 448 -3.34 -4.14 6.61
C PHE A 448 -2.64 -3.11 7.53
N CYS A 449 -1.40 -3.36 7.98
CA CYS A 449 -0.46 -2.27 8.33
C CYS A 449 0.37 -1.45 7.39
N GLN A 450 0.44 -1.65 6.03
CA GLN A 450 1.16 -0.70 5.20
C GLN A 450 2.64 -0.53 5.62
N GLY A 451 3.22 -1.62 6.14
CA GLY A 451 4.67 -1.67 6.40
C GLY A 451 5.09 -1.06 7.72
N ARG A 452 4.14 -0.40 8.39
CA ARG A 452 4.36 0.17 9.71
C ARG A 452 5.18 -0.75 10.60
N TYR A 453 4.81 -2.02 10.67
CA TYR A 453 5.52 -2.92 11.57
C TYR A 453 6.53 -3.84 10.88
N CYS A 454 6.84 -3.56 9.62
CA CYS A 454 7.78 -4.40 8.91
C CYS A 454 8.74 -3.77 7.90
N LEU A 455 8.40 -2.62 7.34
CA LEU A 455 9.29 -1.99 6.35
C LEU A 455 10.71 -1.83 6.88
N PHE A 456 10.84 -1.25 8.06
CA PHE A 456 12.17 -0.99 8.56
C PHE A 456 12.98 -2.29 8.69
N ASN A 457 12.38 -3.32 9.28
CA ASN A 457 12.97 -4.66 9.34
C ASN A 457 13.37 -5.20 7.97
N GLY A 458 12.51 -5.03 6.97
CA GLY A 458 12.82 -5.47 5.62
C GLY A 458 14.10 -4.81 5.13
N ALA A 459 14.20 -3.51 5.42
CA ALA A 459 15.37 -2.72 5.08
C ALA A 459 16.62 -3.25 5.79
N VAL A 460 16.46 -3.59 7.08
CA VAL A 460 17.54 -4.07 7.91
C VAL A 460 18.08 -5.37 7.34
N VAL A 461 17.19 -6.20 6.81
CA VAL A 461 17.59 -7.47 6.22
C VAL A 461 18.40 -7.25 4.95
N VAL A 462 17.87 -6.45 4.03
CA VAL A 462 18.61 -6.05 2.82
C VAL A 462 20.00 -5.57 3.23
N SER A 463 20.02 -4.58 4.11
CA SER A 463 21.26 -3.98 4.59
C SER A 463 22.23 -5.00 5.14
N GLN A 464 21.69 -6.00 5.83
CA GLN A 464 22.51 -7.00 6.48
C GLN A 464 23.08 -7.98 5.49
N ARG A 465 22.25 -8.43 4.56
CA ARG A 465 22.69 -9.35 3.52
C ARG A 465 23.56 -8.68 2.46
N THR A 466 23.41 -7.36 2.29
CA THR A 466 24.05 -6.61 1.20
C THR A 466 25.36 -5.93 1.60
N GLY A 467 25.42 -5.44 2.83
CA GLY A 467 26.53 -4.59 3.24
C GLY A 467 26.18 -3.13 3.02
N LYS A 468 25.21 -2.90 2.13
CA LYS A 468 24.71 -1.56 1.81
C LYS A 468 24.22 -0.86 3.07
N LYS A 469 24.65 0.38 3.28
CA LYS A 469 24.34 1.09 4.51
C LYS A 469 22.86 1.48 4.56
N LEU A 470 22.29 1.50 5.76
CA LEU A 470 20.88 1.86 5.95
C LEU A 470 20.57 3.30 5.54
N SER A 471 21.48 4.22 5.77
CA SER A 471 21.28 5.62 5.37
C SER A 471 21.21 5.82 3.85
N GLU A 472 21.19 4.71 3.10
CA GLU A 472 21.16 4.73 1.63
C GLU A 472 20.00 3.92 1.05
N ILE A 473 19.42 3.03 1.85
CA ILE A 473 18.27 2.21 1.46
C ILE A 473 16.99 3.02 1.72
N ASP A 474 16.48 3.66 0.66
CA ASP A 474 15.30 4.52 0.75
C ASP A 474 14.00 3.72 0.82
N LEU A 475 13.02 4.29 1.52
CA LEU A 475 11.80 3.59 1.89
C LEU A 475 10.59 3.94 1.02
N PRO A 476 9.92 2.90 0.45
CA PRO A 476 8.60 3.07 -0.16
C PRO A 476 7.69 3.97 0.68
N VAL A 477 7.09 4.94 0.02
CA VAL A 477 6.33 6.01 0.66
C VAL A 477 4.91 5.56 1.00
N ALA A 478 4.30 6.16 2.03
CA ALA A 478 2.91 5.87 2.36
C ALA A 478 1.96 6.56 1.38
N ARG A 479 0.88 5.86 1.04
CA ARG A 479 -0.07 6.33 0.02
C ARG A 479 -1.48 6.60 0.55
N SER A 480 -2.45 6.64 -0.36
CA SER A 480 -3.69 7.42 -0.16
C SER A 480 -4.30 7.40 1.21
N PRO A 481 -5.04 6.31 1.57
CA PRO A 481 -5.61 6.31 2.92
C PRO A 481 -4.56 5.77 3.87
N ILE A 482 -4.02 6.60 4.75
CA ILE A 482 -2.96 6.15 5.65
C ILE A 482 -3.49 5.14 6.67
N LYS A 483 -4.80 5.18 6.90
CA LYS A 483 -5.47 4.20 7.73
C LYS A 483 -6.56 3.50 6.93
N ASN A 484 -6.75 2.20 7.20
CA ASN A 484 -7.81 1.41 6.59
C ASN A 484 -9.17 2.05 6.79
N VAL A 485 -9.90 2.20 5.70
CA VAL A 485 -11.28 2.65 5.73
C VAL A 485 -12.07 1.77 4.75
N LYS A 486 -13.31 1.48 5.09
CA LYS A 486 -14.14 0.66 4.24
C LYS A 486 -15.36 1.43 3.91
N MET A 487 -15.94 1.28 2.73
CA MET A 487 -15.42 1.67 1.44
C MET A 487 -16.77 2.29 1.19
N GLY A 488 -17.79 1.61 1.74
CA GLY A 488 -19.13 2.13 1.89
C GLY A 488 -19.13 3.51 2.54
N ILE A 489 -18.32 3.66 3.58
CA ILE A 489 -18.15 4.94 4.29
C ILE A 489 -17.76 6.08 3.34
N LEU A 490 -17.14 5.74 2.22
CA LEU A 490 -16.68 6.75 1.27
C LEU A 490 -17.59 7.03 0.07
N ALA A 491 -18.82 6.50 0.05
CA ALA A 491 -19.87 6.92 -0.91
C ALA A 491 -21.08 7.56 -0.20
N ARG A 492 -21.90 8.41 -0.83
CA ARG A 492 -21.56 9.35 -1.89
C ARG A 492 -21.28 10.60 -1.09
N LEU B 2 28.19 -3.23 -19.77
CA LEU B 2 27.82 -2.26 -20.84
C LEU B 2 28.48 -2.61 -22.18
N PRO B 3 27.67 -3.05 -23.17
CA PRO B 3 28.19 -3.38 -24.48
C PRO B 3 28.61 -2.10 -25.16
N GLU B 4 29.35 -2.19 -26.24
CA GLU B 4 29.75 -0.97 -26.91
C GLU B 4 29.28 -0.90 -28.36
N LYS B 5 28.86 -2.06 -28.87
CA LYS B 5 28.15 -2.16 -30.13
C LYS B 5 26.95 -3.07 -29.94
N SER B 6 25.86 -2.80 -30.66
CA SER B 6 24.68 -3.66 -30.67
C SER B 6 23.87 -3.42 -31.94
N GLU B 7 23.51 -4.51 -32.61
CA GLU B 7 22.76 -4.46 -33.85
C GLU B 7 21.48 -3.63 -33.65
N ILE B 8 20.72 -3.99 -32.62
CA ILE B 8 19.49 -3.31 -32.25
C ILE B 8 19.52 -2.84 -30.79
N VAL B 9 19.07 -1.61 -30.55
CA VAL B 9 18.92 -1.09 -29.20
C VAL B 9 17.47 -0.72 -28.96
N VAL B 10 16.81 -1.41 -28.04
CA VAL B 10 15.45 -1.06 -27.60
C VAL B 10 15.55 -0.15 -26.38
N ILE B 11 14.91 1.02 -26.45
CA ILE B 11 14.92 1.92 -25.31
C ILE B 11 13.64 1.73 -24.50
N GLY B 12 13.82 1.44 -23.21
CA GLY B 12 12.71 1.14 -22.32
C GLY B 12 12.56 -0.35 -22.04
N GLY B 13 12.53 -0.71 -20.77
CA GLY B 13 12.43 -2.11 -20.37
C GLY B 13 11.15 -2.43 -19.61
N GLY B 14 10.04 -1.92 -20.11
CA GLY B 14 8.74 -2.29 -19.58
C GLY B 14 8.19 -3.44 -20.38
N ILE B 15 6.93 -3.80 -20.14
CA ILE B 15 6.34 -4.94 -20.81
C ILE B 15 6.57 -4.84 -22.33
N VAL B 16 6.37 -3.66 -22.90
CA VAL B 16 6.52 -3.50 -24.34
C VAL B 16 7.98 -3.66 -24.79
N GLY B 17 8.88 -2.93 -24.13
CA GLY B 17 10.29 -2.99 -24.46
C GLY B 17 10.84 -4.39 -24.40
N VAL B 18 10.57 -5.13 -23.31
CA VAL B 18 11.18 -6.45 -23.12
C VAL B 18 10.54 -7.49 -24.04
N THR B 19 9.26 -7.29 -24.33
CA THR B 19 8.51 -8.22 -25.15
C THR B 19 8.99 -8.15 -26.60
N ILE B 20 9.39 -6.96 -27.02
CA ILE B 20 9.99 -6.72 -28.33
C ILE B 20 11.38 -7.36 -28.40
N ALA B 21 12.22 -7.04 -27.43
CA ALA B 21 13.54 -7.65 -27.34
C ALA B 21 13.38 -9.15 -27.43
N HIS B 22 12.45 -9.68 -26.64
CA HIS B 22 12.20 -11.11 -26.55
C HIS B 22 11.95 -11.77 -27.91
N GLU B 23 11.11 -11.16 -28.75
CA GLU B 23 10.87 -11.67 -30.09
C GLU B 23 12.12 -11.58 -30.96
N LEU B 24 12.81 -10.45 -30.91
CA LEU B 24 13.97 -10.25 -31.75
C LEU B 24 15.05 -11.29 -31.41
N ALA B 25 15.23 -11.55 -30.12
CA ALA B 25 16.28 -12.43 -29.64
C ALA B 25 16.01 -13.89 -29.96
N LYS B 26 14.78 -14.34 -29.78
CA LYS B 26 14.44 -15.72 -30.10
C LYS B 26 14.43 -15.92 -31.61
N ARG B 27 14.37 -14.82 -32.36
CA ARG B 27 14.44 -14.87 -33.82
C ARG B 27 15.90 -14.86 -34.31
N GLY B 28 16.84 -14.91 -33.38
CA GLY B 28 18.25 -14.96 -33.70
C GLY B 28 18.97 -13.62 -33.73
N GLU B 29 18.22 -12.52 -33.69
CA GLU B 29 18.79 -11.16 -33.75
C GLU B 29 19.45 -10.75 -32.45
N GLU B 30 20.40 -9.82 -32.50
CA GLU B 30 21.04 -9.34 -31.27
C GLU B 30 20.53 -7.99 -30.79
N VAL B 31 19.95 -7.99 -29.60
CA VAL B 31 19.21 -6.86 -29.06
C VAL B 31 19.75 -6.53 -27.70
N THR B 32 19.91 -5.24 -27.42
CA THR B 32 20.06 -4.83 -26.03
C THR B 32 19.04 -3.78 -25.66
N VAL B 33 18.32 -4.03 -24.56
CA VAL B 33 17.40 -3.02 -24.02
C VAL B 33 18.10 -2.15 -23.00
N ILE B 34 17.68 -0.88 -22.98
CA ILE B 34 18.25 0.14 -22.12
C ILE B 34 17.13 0.73 -21.28
N GLU B 35 17.15 0.43 -19.99
CA GLU B 35 16.09 0.87 -19.07
C GLU B 35 16.71 1.78 -18.02
N LYS B 36 16.11 2.93 -17.73
CA LYS B 36 16.79 3.88 -16.83
C LYS B 36 16.65 3.52 -15.35
N ARG B 37 15.65 2.71 -15.02
CA ARG B 37 15.49 2.20 -13.65
C ARG B 37 15.63 0.67 -13.63
N PHE B 38 14.60 -0.07 -13.22
CA PHE B 38 14.64 -1.55 -13.32
C PHE B 38 13.65 -2.06 -14.36
N ILE B 39 13.91 -3.26 -14.89
CA ILE B 39 12.97 -3.90 -15.81
C ILE B 39 11.58 -3.92 -15.17
N GLY B 40 10.61 -3.29 -15.84
CA GLY B 40 9.23 -3.33 -15.39
C GLY B 40 8.80 -2.27 -14.39
N SER B 41 9.68 -1.34 -14.03
CA SER B 41 9.26 -0.12 -13.33
C SER B 41 8.48 0.71 -14.33
N GLY B 42 7.90 1.82 -13.92
CA GLY B 42 7.09 2.55 -14.88
C GLY B 42 5.68 1.99 -14.88
N SER B 43 4.94 2.26 -15.95
CA SER B 43 3.51 1.96 -16.01
C SER B 43 3.20 0.47 -15.80
N THR B 44 3.99 -0.38 -16.43
CA THR B 44 3.94 -1.82 -16.22
C THR B 44 3.93 -2.18 -14.72
N PHE B 45 4.65 -1.43 -13.92
CA PHE B 45 4.69 -1.67 -12.50
C PHE B 45 3.43 -1.20 -11.79
N ARG B 46 2.68 -0.30 -12.43
CA ARG B 46 1.51 0.32 -11.81
C ARG B 46 0.21 -0.17 -12.46
N CYS B 47 0.39 -1.07 -13.41
CA CYS B 47 -0.63 -1.57 -14.31
C CYS B 47 -1.67 -2.46 -13.66
N GLY B 48 -2.87 -2.44 -14.24
CA GLY B 48 -3.97 -3.36 -13.90
C GLY B 48 -3.67 -4.76 -14.41
N THR B 49 -4.67 -5.62 -14.52
CA THR B 49 -4.34 -6.97 -14.96
C THR B 49 -4.79 -7.39 -16.39
N GLY B 50 -4.77 -6.46 -17.37
CA GLY B 50 -5.00 -6.75 -18.84
C GLY B 50 -6.36 -7.36 -18.91
N ILE B 51 -6.70 -8.24 -19.85
CA ILE B 51 -6.14 -8.51 -21.16
C ILE B 51 -7.47 -8.81 -21.88
N ARG B 52 -7.67 -8.22 -23.04
CA ARG B 52 -8.99 -8.09 -23.60
C ARG B 52 -8.93 -8.15 -25.12
N GLN B 53 -9.94 -8.77 -25.73
CA GLN B 53 -10.08 -8.78 -27.21
C GLN B 53 -11.31 -8.00 -27.66
N GLN B 54 -12.09 -7.48 -26.71
CA GLN B 54 -13.31 -6.74 -27.01
C GLN B 54 -13.01 -5.27 -27.33
N PHE B 55 -12.57 -5.06 -28.58
CA PHE B 55 -12.31 -3.75 -29.15
C PHE B 55 -13.34 -3.51 -30.27
N ASN B 56 -13.25 -2.34 -30.93
CA ASN B 56 -14.35 -1.88 -31.77
C ASN B 56 -14.00 -1.63 -33.20
N ASP B 57 -12.91 -2.24 -33.63
CA ASP B 57 -12.42 -2.06 -34.97
C ASP B 57 -11.56 -3.26 -35.32
N GLU B 58 -11.43 -3.51 -36.60
CA GLU B 58 -10.84 -4.74 -37.07
C GLU B 58 -9.41 -4.93 -36.57
N ALA B 59 -8.55 -3.94 -36.77
CA ALA B 59 -7.14 -4.09 -36.48
C ALA B 59 -6.90 -4.50 -35.02
N ASN B 60 -7.48 -3.73 -34.10
CA ASN B 60 -7.30 -3.99 -32.66
C ASN B 60 -7.81 -5.37 -32.27
N VAL B 61 -8.91 -5.79 -32.89
CA VAL B 61 -9.50 -7.08 -32.59
C VAL B 61 -8.61 -8.20 -33.08
N ARG B 62 -8.04 -8.05 -34.28
CA ARG B 62 -7.12 -9.05 -34.83
C ARG B 62 -5.84 -9.12 -34.01
N VAL B 63 -5.27 -7.95 -33.71
CA VAL B 63 -4.08 -7.87 -32.89
C VAL B 63 -4.28 -8.52 -31.50
N MET B 64 -5.40 -8.23 -30.85
CA MET B 64 -5.68 -8.81 -29.55
C MET B 64 -6.01 -10.31 -29.58
N LYS B 65 -6.70 -10.74 -30.63
CA LYS B 65 -6.91 -12.16 -30.86
C LYS B 65 -5.54 -12.84 -30.92
N ARG B 66 -4.66 -12.29 -31.76
CA ARG B 66 -3.34 -12.84 -31.84
C ARG B 66 -2.64 -12.75 -30.50
N SER B 67 -2.72 -11.58 -29.87
CA SER B 67 -2.04 -11.34 -28.61
C SER B 67 -2.41 -12.40 -27.59
N VAL B 68 -3.72 -12.65 -27.45
CA VAL B 68 -4.22 -13.68 -26.53
C VAL B 68 -3.66 -15.08 -26.85
N GLU B 69 -3.46 -15.39 -28.13
CA GLU B 69 -2.83 -16.67 -28.47
C GLU B 69 -1.42 -16.71 -27.90
N LEU B 70 -0.71 -15.58 -27.99
CA LEU B 70 0.65 -15.52 -27.45
C LEU B 70 0.68 -15.56 -25.92
N TRP B 71 -0.32 -14.96 -25.30
CA TRP B 71 -0.48 -15.08 -23.84
C TRP B 71 -0.68 -16.54 -23.41
N LYS B 72 -1.56 -17.27 -24.09
CA LYS B 72 -1.74 -18.69 -23.81
C LYS B 72 -0.44 -19.46 -23.97
N LYS B 73 0.24 -19.23 -25.09
CA LYS B 73 1.45 -19.98 -25.42
C LYS B 73 2.56 -19.74 -24.40
N TYR B 74 2.91 -18.47 -24.22
CA TYR B 74 4.04 -18.10 -23.37
C TYR B 74 3.77 -18.25 -21.88
N SER B 75 2.52 -18.00 -21.50
CA SER B 75 2.02 -18.24 -20.15
C SER B 75 2.39 -19.63 -19.63
N GLU B 76 2.05 -20.67 -20.39
CA GLU B 76 2.30 -22.03 -19.93
C GLU B 76 3.70 -22.46 -20.28
N GLU B 77 4.22 -21.96 -21.38
CA GLU B 77 5.54 -22.31 -21.83
C GLU B 77 6.65 -21.78 -20.89
N TYR B 78 6.43 -20.63 -20.25
CA TYR B 78 7.41 -20.03 -19.30
C TYR B 78 6.93 -20.06 -17.84
N GLY B 79 5.70 -20.51 -17.64
CA GLY B 79 5.14 -20.74 -16.32
C GLY B 79 4.83 -19.48 -15.53
N PHE B 80 4.12 -18.53 -16.15
CA PHE B 80 3.89 -17.27 -15.47
C PHE B 80 2.44 -16.93 -15.20
N SER B 81 1.49 -17.74 -15.66
CA SER B 81 0.13 -17.60 -15.11
C SER B 81 -0.73 -16.50 -15.72
N PHE B 82 -1.70 -16.94 -16.51
CA PHE B 82 -2.63 -16.08 -17.22
C PHE B 82 -3.98 -16.78 -17.20
N LYS B 83 -4.83 -16.36 -16.27
CA LYS B 83 -6.14 -16.99 -16.09
C LYS B 83 -7.16 -16.39 -17.07
N GLN B 84 -7.78 -17.24 -17.88
CA GLN B 84 -8.81 -16.79 -18.81
C GLN B 84 -10.16 -16.75 -18.11
N THR B 85 -10.37 -15.72 -17.28
CA THR B 85 -11.60 -15.62 -16.51
C THR B 85 -12.66 -14.75 -17.19
N GLY B 86 -12.34 -14.23 -18.36
CA GLY B 86 -13.28 -13.39 -19.13
C GLY B 86 -13.25 -11.90 -18.79
N TYR B 87 -13.97 -11.12 -19.60
CA TYR B 87 -14.23 -9.70 -19.39
C TYR B 87 -15.72 -9.54 -19.51
N LEU B 88 -16.29 -8.71 -18.64
CA LEU B 88 -17.73 -8.56 -18.56
C LEU B 88 -18.11 -7.09 -18.63
N PHE B 89 -18.64 -6.66 -19.76
CA PHE B 89 -19.10 -5.28 -19.91
C PHE B 89 -20.57 -5.18 -19.51
N LEU B 90 -20.87 -4.52 -18.41
CA LEU B 90 -22.26 -4.36 -18.00
C LEU B 90 -22.97 -3.27 -18.80
N LEU B 91 -24.17 -3.58 -19.31
CA LEU B 91 -24.98 -2.63 -20.09
C LEU B 91 -26.28 -2.28 -19.36
N TYR B 92 -26.72 -1.04 -19.53
CA TYR B 92 -27.88 -0.52 -18.77
C TYR B 92 -29.00 0.08 -19.60
N ASP B 93 -28.74 0.37 -20.87
CA ASP B 93 -29.79 0.93 -21.74
C ASP B 93 -29.65 0.57 -23.23
N ASP B 94 -30.72 0.85 -23.98
CA ASP B 94 -30.84 0.46 -25.40
C ASP B 94 -29.78 1.14 -26.23
N GLU B 95 -29.50 2.39 -25.88
CA GLU B 95 -28.33 3.07 -26.39
C GLU B 95 -27.11 2.14 -26.40
N GLU B 96 -26.70 1.71 -25.21
CA GLU B 96 -25.53 0.84 -25.01
C GLU B 96 -25.65 -0.52 -25.71
N VAL B 97 -26.81 -1.14 -25.58
CA VAL B 97 -27.07 -2.46 -26.16
C VAL B 97 -26.84 -2.43 -27.69
N LYS B 98 -27.48 -1.49 -28.36
CA LYS B 98 -27.34 -1.29 -29.81
C LYS B 98 -25.88 -1.17 -30.19
N THR B 99 -25.14 -0.31 -29.47
CA THR B 99 -23.73 -0.05 -29.70
C THR B 99 -22.86 -1.30 -29.56
N PHE B 100 -23.11 -2.07 -28.49
CA PHE B 100 -22.37 -3.30 -28.23
C PHE B 100 -22.76 -4.45 -29.15
N LYS B 101 -24.05 -4.60 -29.42
CA LYS B 101 -24.53 -5.48 -30.51
C LYS B 101 -23.69 -5.25 -31.74
N ARG B 102 -23.40 -3.99 -32.02
CA ARG B 102 -22.60 -3.59 -33.16
C ARG B 102 -21.09 -3.92 -32.98
N ASN B 103 -20.55 -3.67 -31.78
CA ASN B 103 -19.16 -4.01 -31.45
C ASN B 103 -18.88 -5.50 -31.51
N ILE B 104 -19.83 -6.30 -30.99
CA ILE B 104 -19.71 -7.75 -30.89
C ILE B 104 -19.68 -8.32 -32.29
N GLU B 105 -20.56 -7.78 -33.12
CA GLU B 105 -20.66 -8.19 -34.51
C GLU B 105 -19.31 -8.10 -35.18
N ILE B 106 -18.62 -6.97 -35.01
CA ILE B 106 -17.31 -6.79 -35.63
C ILE B 106 -16.28 -7.72 -34.97
N GLN B 107 -16.36 -7.87 -33.65
CA GLN B 107 -15.52 -8.84 -32.90
C GLN B 107 -15.64 -10.25 -33.46
N ASN B 108 -16.87 -10.72 -33.62
CA ASN B 108 -17.14 -12.04 -34.17
C ASN B 108 -16.53 -12.28 -35.55
N LYS B 109 -16.78 -11.38 -36.50
CA LYS B 109 -16.24 -11.49 -37.88
C LYS B 109 -14.79 -11.91 -37.87
N PHE B 110 -14.03 -11.38 -36.92
CA PHE B 110 -12.60 -11.61 -36.88
C PHE B 110 -12.18 -12.65 -35.84
N GLY B 111 -13.11 -13.50 -35.45
CA GLY B 111 -12.79 -14.68 -34.67
C GLY B 111 -12.68 -14.47 -33.17
N VAL B 112 -13.30 -13.41 -32.68
CA VAL B 112 -13.41 -13.20 -31.24
C VAL B 112 -14.85 -13.48 -30.86
N PRO B 113 -15.12 -14.67 -30.28
CA PRO B 113 -16.48 -15.15 -30.08
C PRO B 113 -17.15 -14.54 -28.85
N THR B 114 -17.34 -13.23 -28.85
CA THR B 114 -18.05 -12.54 -27.76
C THR B 114 -19.56 -12.78 -27.88
N LYS B 115 -20.23 -12.94 -26.74
CA LYS B 115 -21.70 -13.05 -26.72
C LYS B 115 -22.31 -11.85 -26.01
N LEU B 116 -23.45 -11.39 -26.51
CA LEU B 116 -24.31 -10.50 -25.73
C LEU B 116 -25.05 -11.43 -24.75
N ILE B 117 -25.03 -11.10 -23.46
CA ILE B 117 -25.69 -11.99 -22.52
C ILE B 117 -26.70 -11.33 -21.59
N THR B 118 -27.38 -12.20 -20.87
CA THR B 118 -28.45 -11.88 -19.95
C THR B 118 -27.93 -11.47 -18.57
N PRO B 119 -28.64 -10.53 -17.92
CA PRO B 119 -28.42 -10.15 -16.54
C PRO B 119 -28.20 -11.34 -15.60
N GLU B 120 -29.13 -12.29 -15.57
CA GLU B 120 -28.95 -13.48 -14.70
C GLU B 120 -27.72 -14.31 -15.09
N GLU B 121 -27.39 -14.36 -16.37
CA GLU B 121 -26.17 -15.04 -16.81
C GLU B 121 -24.93 -14.33 -16.25
N ALA B 122 -24.89 -13.01 -16.43
CA ALA B 122 -23.84 -12.16 -15.87
C ALA B 122 -23.69 -12.38 -14.38
N LYS B 123 -24.80 -12.59 -13.67
CA LYS B 123 -24.79 -12.80 -12.23
C LYS B 123 -24.37 -14.23 -11.83
N GLU B 124 -24.47 -15.20 -12.73
CA GLU B 124 -23.92 -16.52 -12.46
C GLU B 124 -22.41 -16.43 -12.32
N ILE B 125 -21.73 -16.06 -13.41
CA ILE B 125 -20.38 -15.49 -13.32
C ILE B 125 -20.55 -14.34 -12.33
N VAL B 126 -19.62 -14.13 -11.42
CA VAL B 126 -19.77 -12.99 -10.46
C VAL B 126 -21.13 -12.94 -9.70
N PRO B 127 -21.36 -13.91 -8.78
CA PRO B 127 -22.61 -13.92 -8.04
C PRO B 127 -22.96 -12.64 -7.27
N LEU B 128 -21.95 -11.86 -6.86
CA LEU B 128 -22.17 -10.65 -6.03
C LEU B 128 -22.56 -9.38 -6.81
N LEU B 129 -22.60 -9.48 -8.14
CA LEU B 129 -23.07 -8.42 -9.00
C LEU B 129 -24.49 -7.99 -8.65
N ASP B 130 -24.72 -6.68 -8.48
CA ASP B 130 -26.08 -6.17 -8.34
C ASP B 130 -26.69 -6.10 -9.72
N ILE B 131 -27.77 -6.84 -9.93
CA ILE B 131 -28.27 -7.03 -11.29
C ILE B 131 -29.45 -6.13 -11.62
N SER B 132 -29.89 -5.37 -10.63
CA SER B 132 -31.15 -4.65 -10.69
C SER B 132 -31.33 -3.67 -11.84
N GLU B 133 -30.28 -3.05 -12.32
CA GLU B 133 -30.46 -2.13 -13.46
C GLU B 133 -29.63 -2.47 -14.70
N VAL B 134 -28.97 -3.62 -14.65
CA VAL B 134 -28.24 -4.17 -15.81
C VAL B 134 -29.23 -4.85 -16.73
N ILE B 135 -29.19 -4.53 -18.02
CA ILE B 135 -30.20 -5.07 -18.95
C ILE B 135 -29.61 -6.12 -19.90
N ALA B 136 -28.31 -6.01 -20.14
CA ALA B 136 -27.57 -7.05 -20.80
C ALA B 136 -26.11 -6.88 -20.40
N ALA B 137 -25.26 -7.81 -20.84
CA ALA B 137 -23.83 -7.65 -20.61
C ALA B 137 -23.10 -8.24 -21.79
N SER B 138 -21.96 -7.64 -22.11
CA SER B 138 -21.10 -8.18 -23.14
C SER B 138 -20.10 -9.10 -22.45
N TRP B 139 -20.06 -10.34 -22.92
CA TRP B 139 -19.25 -11.38 -22.28
C TRP B 139 -18.36 -12.08 -23.28
N ASN B 140 -17.08 -12.18 -22.99
CA ASN B 140 -16.19 -13.06 -23.74
C ASN B 140 -15.35 -13.90 -22.78
N PRO B 141 -15.47 -15.24 -22.87
CA PRO B 141 -14.79 -16.10 -21.90
C PRO B 141 -13.29 -16.28 -22.16
N THR B 142 -12.77 -15.86 -23.31
CA THR B 142 -11.34 -16.00 -23.57
C THR B 142 -10.48 -14.75 -23.27
N ASP B 143 -11.09 -13.69 -22.73
CA ASP B 143 -10.34 -12.59 -22.14
C ASP B 143 -9.88 -13.03 -20.74
N GLY B 144 -8.84 -12.39 -20.22
CA GLY B 144 -8.30 -12.80 -18.95
C GLY B 144 -7.49 -11.73 -18.25
N LYS B 145 -6.74 -12.17 -17.24
CA LYS B 145 -5.93 -11.29 -16.44
C LYS B 145 -4.61 -11.99 -16.10
N ALA B 146 -3.56 -11.20 -15.89
CA ALA B 146 -2.21 -11.70 -15.58
C ALA B 146 -1.52 -10.62 -14.79
N ASP B 147 -0.47 -10.97 -14.03
CA ASP B 147 0.30 -9.97 -13.29
C ASP B 147 1.38 -9.35 -14.16
N PRO B 148 1.26 -8.03 -14.45
CA PRO B 148 2.19 -7.42 -15.39
C PRO B 148 3.63 -7.55 -14.96
N PHE B 149 3.90 -7.54 -13.65
CA PHE B 149 5.28 -7.66 -13.19
C PHE B 149 5.83 -9.08 -13.36
N GLU B 150 5.04 -10.05 -12.90
CA GLU B 150 5.37 -11.44 -13.09
C GLU B 150 5.69 -11.72 -14.55
N ALA B 151 4.78 -11.32 -15.45
CA ALA B 151 4.90 -11.58 -16.88
C ALA B 151 6.10 -10.91 -17.54
N THR B 152 6.41 -9.69 -17.11
CA THR B 152 7.53 -8.95 -17.68
C THR B 152 8.84 -9.60 -17.29
N THR B 153 9.00 -9.93 -16.01
CA THR B 153 10.22 -10.56 -15.49
C THR B 153 10.49 -11.89 -16.19
N ALA B 154 9.41 -12.62 -16.47
CA ALA B 154 9.46 -13.90 -17.18
C ALA B 154 10.01 -13.71 -18.60
N PHE B 155 9.31 -12.92 -19.40
CA PHE B 155 9.80 -12.55 -20.73
C PHE B 155 11.22 -12.03 -20.67
N ALA B 156 11.54 -11.28 -19.62
CA ALA B 156 12.87 -10.74 -19.45
C ALA B 156 13.95 -11.84 -19.36
N VAL B 157 13.78 -12.80 -18.44
CA VAL B 157 14.82 -13.84 -18.22
C VAL B 157 14.97 -14.75 -19.43
N LYS B 158 13.89 -14.94 -20.18
CA LYS B 158 13.95 -15.68 -21.44
C LYS B 158 14.68 -14.92 -22.55
N ALA B 159 14.42 -13.62 -22.64
CA ALA B 159 15.10 -12.76 -23.61
C ALA B 159 16.60 -12.83 -23.39
N LYS B 160 17.01 -12.85 -22.12
CA LYS B 160 18.42 -12.97 -21.76
C LYS B 160 18.95 -14.35 -22.15
N GLU B 161 18.19 -15.37 -21.77
CA GLU B 161 18.48 -16.74 -22.16
C GLU B 161 18.70 -16.88 -23.66
N TYR B 162 17.81 -16.28 -24.44
CA TYR B 162 17.97 -16.22 -25.89
C TYR B 162 19.06 -15.26 -26.35
N GLY B 163 19.73 -14.57 -25.41
CA GLY B 163 20.91 -13.77 -25.77
C GLY B 163 20.78 -12.26 -25.81
N ALA B 164 19.63 -11.75 -25.39
CA ALA B 164 19.45 -10.31 -25.28
C ALA B 164 20.20 -9.71 -24.09
N LYS B 165 20.76 -8.52 -24.27
CA LYS B 165 21.33 -7.78 -23.15
C LYS B 165 20.30 -6.81 -22.60
N LEU B 166 20.06 -6.90 -21.30
CA LEU B 166 19.12 -6.02 -20.62
C LEU B 166 19.88 -5.15 -19.63
N LEU B 167 19.97 -3.85 -19.94
CA LEU B 167 20.76 -2.92 -19.14
C LEU B 167 19.89 -2.08 -18.23
N GLU B 168 20.12 -2.20 -16.92
CA GLU B 168 19.18 -1.66 -15.96
C GLU B 168 19.35 -0.23 -15.48
N TYR B 169 20.41 0.13 -14.80
CA TYR B 169 20.38 1.52 -14.37
C TYR B 169 21.11 2.39 -15.39
N THR B 170 20.53 2.41 -16.58
CA THR B 170 21.15 2.95 -17.78
C THR B 170 20.13 3.81 -18.53
N GLU B 171 20.37 5.12 -18.52
CA GLU B 171 19.46 6.10 -19.13
C GLU B 171 19.99 6.58 -20.46
N VAL B 172 19.09 6.68 -21.44
CA VAL B 172 19.41 7.29 -22.71
C VAL B 172 19.28 8.79 -22.54
N LYS B 173 20.27 9.50 -23.06
CA LYS B 173 20.34 10.94 -22.98
C LYS B 173 20.41 11.61 -24.36
N GLY B 174 21.03 10.94 -25.33
CA GLY B 174 21.15 11.46 -26.69
C GLY B 174 21.38 10.42 -27.78
N PHE B 175 21.58 10.89 -29.01
CA PHE B 175 21.89 10.02 -30.13
C PHE B 175 23.05 10.59 -30.92
N LEU B 176 23.94 9.72 -31.38
CA LEU B 176 24.93 10.10 -32.38
C LEU B 176 24.31 9.86 -33.74
N ILE B 177 23.96 10.94 -34.41
CA ILE B 177 23.37 10.86 -35.74
C ILE B 177 24.31 11.50 -36.74
N GLU B 178 24.84 10.70 -37.65
CA GLU B 178 25.78 11.17 -38.69
C GLU B 178 25.04 11.96 -39.76
N ASN B 179 24.65 11.28 -40.83
CA ASN B 179 23.90 11.98 -41.85
C ASN B 179 22.45 11.96 -41.44
N ASN B 180 21.70 11.01 -41.98
CA ASN B 180 20.45 10.67 -41.36
C ASN B 180 20.55 9.26 -40.82
N GLU B 181 21.79 8.80 -40.67
CA GLU B 181 22.12 7.52 -40.07
C GLU B 181 22.23 7.66 -38.56
N ILE B 182 21.54 6.80 -37.82
CA ILE B 182 21.86 6.61 -36.41
C ILE B 182 23.23 5.92 -36.37
N LYS B 183 24.09 6.38 -35.48
CA LYS B 183 25.40 5.78 -35.30
C LYS B 183 25.57 5.25 -33.90
N GLY B 184 24.91 5.88 -32.93
CA GLY B 184 25.08 5.48 -31.56
C GLY B 184 24.02 6.02 -30.65
N VAL B 185 23.80 5.34 -29.54
CA VAL B 185 22.91 5.83 -28.52
C VAL B 185 23.74 6.26 -27.31
N LYS B 186 23.75 7.57 -27.06
CA LYS B 186 24.50 8.20 -25.98
C LYS B 186 23.76 7.93 -24.67
N THR B 187 24.46 7.46 -23.65
CA THR B 187 23.83 7.21 -22.34
C THR B 187 24.60 7.84 -21.17
N ASN B 188 24.05 7.69 -19.99
CA ASN B 188 24.72 8.10 -18.75
C ASN B 188 25.90 7.20 -18.39
N LYS B 189 26.15 6.16 -19.17
CA LYS B 189 27.25 5.23 -18.94
C LYS B 189 28.07 4.94 -20.22
N GLY B 190 28.16 5.92 -21.10
CA GLY B 190 28.93 5.78 -22.34
C GLY B 190 28.02 5.69 -23.55
N ILE B 191 28.62 5.57 -24.74
CA ILE B 191 27.83 5.47 -25.97
C ILE B 191 27.81 4.03 -26.44
N ILE B 192 26.68 3.59 -27.00
CA ILE B 192 26.59 2.29 -27.63
C ILE B 192 26.42 2.49 -29.12
N LYS B 193 27.28 1.86 -29.91
CA LYS B 193 27.15 1.91 -31.37
C LYS B 193 26.01 1.03 -31.85
N THR B 194 25.15 1.60 -32.68
CA THR B 194 24.02 0.89 -33.28
C THR B 194 23.48 1.64 -34.50
N GLY B 195 22.83 0.91 -35.41
CA GLY B 195 22.21 1.55 -36.55
C GLY B 195 20.70 1.50 -36.48
N ILE B 196 20.17 0.64 -35.61
CA ILE B 196 18.73 0.43 -35.45
C ILE B 196 18.30 0.65 -33.99
N VAL B 197 17.41 1.61 -33.76
CA VAL B 197 16.87 1.83 -32.40
C VAL B 197 15.34 1.80 -32.37
N VAL B 198 14.80 1.28 -31.26
CA VAL B 198 13.35 1.23 -31.02
C VAL B 198 12.98 2.04 -29.78
N ASN B 199 12.11 3.02 -29.96
CA ASN B 199 11.60 3.83 -28.86
C ASN B 199 10.37 3.19 -28.21
N ALA B 200 10.59 2.56 -27.05
CA ALA B 200 9.50 1.96 -26.29
C ALA B 200 9.47 2.53 -24.88
N THR B 201 9.16 3.81 -24.76
CA THR B 201 9.20 4.48 -23.49
C THR B 201 7.87 5.17 -23.25
N ASN B 202 6.76 4.48 -23.54
CA ASN B 202 5.56 5.25 -23.91
C ASN B 202 5.40 6.66 -23.29
N ALA B 203 5.15 6.79 -22.00
CA ALA B 203 4.94 8.13 -21.41
C ALA B 203 6.09 9.10 -21.72
N TRP B 204 7.31 8.58 -21.77
CA TRP B 204 8.49 9.39 -22.07
C TRP B 204 8.80 9.53 -23.58
N ALA B 205 7.97 8.93 -24.44
CA ALA B 205 8.26 8.83 -25.87
C ALA B 205 8.76 10.13 -26.50
N ASN B 206 8.10 11.25 -26.18
CA ASN B 206 8.48 12.58 -26.65
C ASN B 206 9.92 12.95 -26.37
N LEU B 207 10.36 12.67 -25.15
CA LEU B 207 11.72 12.91 -24.75
C LEU B 207 12.68 12.19 -25.67
N ILE B 208 12.39 10.93 -25.97
CA ILE B 208 13.27 10.13 -26.80
C ILE B 208 13.22 10.65 -28.22
N ASN B 209 12.02 11.03 -28.66
CA ASN B 209 11.81 11.65 -29.98
C ASN B 209 12.56 12.98 -30.14
N ALA B 210 12.47 13.81 -29.11
CA ALA B 210 13.25 15.02 -29.02
C ALA B 210 14.75 14.78 -29.18
N MET B 211 15.29 13.80 -28.44
CA MET B 211 16.72 13.51 -28.49
C MET B 211 17.13 13.03 -29.87
N ALA B 212 16.18 12.43 -30.59
CA ALA B 212 16.43 11.86 -31.90
C ALA B 212 16.27 12.91 -32.99
N GLY B 213 15.70 14.06 -32.64
CA GLY B 213 15.44 15.12 -33.61
C GLY B 213 14.27 14.84 -34.55
N ILE B 214 13.38 13.94 -34.17
CA ILE B 214 12.20 13.62 -34.98
C ILE B 214 11.31 14.84 -35.07
N LYS B 215 11.09 15.31 -36.30
CA LYS B 215 10.26 16.49 -36.57
C LYS B 215 8.77 16.19 -36.83
N THR B 216 8.42 14.92 -36.99
CA THR B 216 7.03 14.49 -37.17
C THR B 216 6.24 14.63 -35.86
N LYS B 217 5.07 15.28 -35.92
CA LYS B 217 4.21 15.43 -34.73
C LYS B 217 3.62 14.07 -34.32
N ILE B 218 4.08 13.57 -33.18
CA ILE B 218 3.57 12.31 -32.62
C ILE B 218 3.13 12.58 -31.19
N PRO B 219 1.91 13.12 -31.03
CA PRO B 219 1.48 13.64 -29.74
C PRO B 219 1.19 12.51 -28.75
N ILE B 220 2.04 12.39 -27.75
CA ILE B 220 1.83 11.39 -26.71
C ILE B 220 2.00 12.07 -25.37
N GLU B 221 0.92 12.20 -24.61
CA GLU B 221 0.97 12.90 -23.34
C GLU B 221 0.77 11.97 -22.15
N PRO B 222 1.57 12.15 -21.07
CA PRO B 222 1.33 11.37 -19.86
C PRO B 222 0.14 11.91 -19.08
N TYR B 223 -0.80 11.02 -18.75
CA TYR B 223 -1.95 11.38 -17.91
C TYR B 223 -1.99 10.55 -16.67
N LYS B 224 -2.46 11.18 -15.60
CA LYS B 224 -2.55 10.50 -14.34
C LYS B 224 -3.83 9.71 -14.26
N HIS B 225 -3.71 8.38 -14.27
CA HIS B 225 -4.80 7.48 -13.89
C HIS B 225 -4.51 6.84 -12.53
N GLN B 226 -5.55 6.34 -11.87
CA GLN B 226 -5.38 5.84 -10.49
C GLN B 226 -6.02 4.47 -10.26
N ALA B 227 -5.59 3.79 -9.20
CA ALA B 227 -6.17 2.51 -8.83
C ALA B 227 -6.31 2.36 -7.33
N VAL B 228 -7.18 1.44 -6.93
CA VAL B 228 -7.38 1.09 -5.53
C VAL B 228 -7.15 -0.41 -5.34
N ILE B 229 -6.79 -0.81 -4.14
CA ILE B 229 -6.76 -2.23 -3.78
C ILE B 229 -7.49 -2.41 -2.46
N THR B 230 -8.33 -3.42 -2.37
CA THR B 230 -9.01 -3.71 -1.11
C THR B 230 -8.25 -4.81 -0.36
N GLN B 231 -8.77 -5.15 0.83
CA GLN B 231 -8.26 -6.28 1.60
C GLN B 231 -8.55 -7.57 0.85
N PRO B 232 -7.74 -8.62 1.07
CA PRO B 232 -7.98 -9.89 0.38
C PRO B 232 -9.26 -10.58 0.82
N ILE B 233 -9.81 -11.37 -0.09
CA ILE B 233 -11.16 -11.93 0.00
C ILE B 233 -11.04 -13.35 -0.52
N LYS B 234 -12.00 -14.21 -0.20
CA LYS B 234 -12.01 -15.57 -0.71
C LYS B 234 -11.67 -15.66 -2.20
N ARG B 235 -10.75 -16.55 -2.56
CA ARG B 235 -10.39 -16.84 -3.96
C ARG B 235 -11.61 -16.99 -4.87
N GLY B 236 -11.51 -16.52 -6.10
CA GLY B 236 -12.60 -16.68 -7.07
C GLY B 236 -13.92 -16.01 -6.76
N THR B 237 -13.92 -15.01 -5.88
CA THR B 237 -15.11 -14.22 -5.64
C THR B 237 -15.43 -13.34 -6.85
N ILE B 238 -14.43 -12.63 -7.38
CA ILE B 238 -14.63 -11.87 -8.62
C ILE B 238 -13.62 -12.31 -9.67
N ASN B 239 -14.04 -13.15 -10.60
CA ASN B 239 -13.09 -13.72 -11.55
C ASN B 239 -12.82 -12.92 -12.81
N PRO B 240 -13.86 -12.53 -13.55
CA PRO B 240 -13.56 -11.75 -14.74
C PRO B 240 -13.27 -10.29 -14.38
N MET B 241 -12.73 -9.56 -15.35
CA MET B 241 -12.66 -8.12 -15.26
C MET B 241 -14.09 -7.61 -15.51
N VAL B 242 -14.70 -6.93 -14.55
CA VAL B 242 -16.01 -6.34 -14.80
C VAL B 242 -15.88 -4.85 -15.11
N ILE B 243 -16.49 -4.45 -16.24
CA ILE B 243 -16.48 -3.07 -16.69
C ILE B 243 -17.88 -2.49 -16.59
N SER B 244 -17.96 -1.27 -16.06
CA SER B 244 -19.20 -0.50 -16.10
C SER B 244 -18.96 0.89 -16.66
N PHE B 245 -19.27 1.08 -17.94
CA PHE B 245 -19.16 2.39 -18.56
C PHE B 245 -20.09 3.38 -17.87
N LYS B 246 -21.33 2.98 -17.62
CA LYS B 246 -22.28 3.88 -17.00
C LYS B 246 -21.79 4.40 -15.66
N TYR B 247 -21.24 3.54 -14.82
CA TYR B 247 -20.73 4.00 -13.52
C TYR B 247 -19.24 4.40 -13.54
N GLY B 248 -18.88 5.29 -14.47
CA GLY B 248 -17.68 6.14 -14.35
C GLY B 248 -16.50 5.40 -14.99
N HIS B 249 -16.76 4.61 -16.03
CA HIS B 249 -15.74 3.75 -16.63
C HIS B 249 -15.00 2.92 -15.56
N ALA B 250 -15.75 2.46 -14.58
CA ALA B 250 -15.21 1.57 -13.56
C ALA B 250 -14.78 0.27 -14.19
N TYR B 251 -13.61 -0.20 -13.76
CA TYR B 251 -13.20 -1.57 -13.97
C TYR B 251 -12.77 -2.13 -12.62
N LEU B 252 -13.19 -3.35 -12.30
CA LEU B 252 -12.68 -4.05 -11.12
C LEU B 252 -12.62 -5.57 -11.29
N THR B 253 -11.63 -6.19 -10.65
CA THR B 253 -11.45 -7.64 -10.68
C THR B 253 -10.71 -8.06 -9.40
N GLN B 254 -10.54 -9.35 -9.18
CA GLN B 254 -9.78 -9.81 -8.01
C GLN B 254 -8.38 -10.21 -8.45
N THR B 255 -7.38 -9.85 -7.65
CA THR B 255 -6.01 -10.28 -7.92
C THR B 255 -5.79 -11.72 -7.51
N PHE B 256 -4.64 -12.27 -7.93
CA PHE B 256 -4.24 -13.62 -7.55
C PHE B 256 -3.99 -13.70 -6.05
N HIS B 257 -3.50 -12.62 -5.44
CA HIS B 257 -3.41 -12.55 -3.98
C HIS B 257 -4.79 -12.54 -3.26
N GLY B 258 -5.84 -12.07 -3.93
CA GLY B 258 -7.19 -12.03 -3.34
C GLY B 258 -7.76 -10.63 -3.17
N GLY B 259 -7.10 -9.65 -3.79
CA GLY B 259 -7.30 -8.26 -3.50
C GLY B 259 -8.56 -7.55 -3.96
N ILE B 260 -8.96 -7.73 -5.20
CA ILE B 260 -9.93 -6.76 -5.77
C ILE B 260 -9.26 -5.41 -6.00
N ILE B 261 -8.82 -5.24 -7.24
CA ILE B 261 -8.07 -4.11 -7.70
C ILE B 261 -8.97 -3.41 -8.70
N GLY B 262 -8.76 -2.13 -8.93
CA GLY B 262 -9.48 -1.46 -9.99
C GLY B 262 -9.34 0.05 -9.96
N GLY B 263 -9.87 0.68 -11.01
CA GLY B 263 -9.87 2.12 -11.12
C GLY B 263 -11.15 2.59 -11.77
N ILE B 264 -11.14 3.84 -12.22
CA ILE B 264 -12.24 4.47 -12.94
C ILE B 264 -11.65 5.41 -13.99
N GLY B 265 -12.50 5.98 -14.83
CA GLY B 265 -12.09 6.93 -15.86
C GLY B 265 -11.29 8.16 -15.39
N TYR B 266 -11.65 8.68 -14.22
CA TYR B 266 -11.06 9.89 -13.62
C TYR B 266 -9.60 10.21 -14.00
N GLU B 267 -9.45 11.06 -15.02
CA GLU B 267 -8.17 11.34 -15.64
C GLU B 267 -7.71 12.72 -15.20
N ILE B 268 -6.42 12.87 -14.90
CA ILE B 268 -5.91 14.20 -14.49
C ILE B 268 -4.88 14.75 -15.51
N GLY B 269 -5.19 15.95 -16.05
CA GLY B 269 -4.60 16.57 -17.28
C GLY B 269 -3.13 16.33 -17.50
N PRO B 270 -2.59 16.61 -18.70
CA PRO B 270 -1.23 16.11 -18.99
C PRO B 270 -0.21 16.42 -17.87
N THR B 271 0.25 15.39 -17.16
CA THR B 271 1.18 15.57 -16.02
C THR B 271 2.13 14.37 -15.88
N TYR B 272 3.28 14.57 -15.25
CA TYR B 272 4.13 13.44 -14.86
C TYR B 272 3.99 13.11 -13.38
N ASP B 273 3.18 13.91 -12.68
CA ASP B 273 2.89 13.73 -11.26
C ASP B 273 2.23 12.37 -11.00
N LEU B 274 2.75 11.61 -10.03
CA LEU B 274 1.98 10.48 -9.50
C LEU B 274 1.21 10.97 -8.26
N THR B 275 1.21 10.23 -7.16
CA THR B 275 0.50 10.69 -5.93
C THR B 275 -1.04 10.72 -6.06
N PRO B 276 -1.71 9.80 -5.36
CA PRO B 276 -3.15 9.67 -5.43
C PRO B 276 -3.91 10.86 -4.85
N THR B 277 -5.20 10.95 -5.17
CA THR B 277 -6.01 12.08 -4.74
C THR B 277 -7.24 11.62 -3.94
N TYR B 278 -7.65 12.41 -2.96
CA TYR B 278 -8.89 12.18 -2.18
C TYR B 278 -10.16 12.04 -3.03
N GLU B 279 -10.15 12.66 -4.24
CA GLU B 279 -11.37 12.83 -5.02
C GLU B 279 -11.58 11.45 -5.70
N PHE B 280 -10.47 10.88 -6.20
CA PHE B 280 -10.47 9.52 -6.71
C PHE B 280 -10.93 8.53 -5.66
N LEU B 281 -10.46 8.70 -4.42
CA LEU B 281 -10.83 7.82 -3.31
C LEU B 281 -12.34 7.78 -3.14
N ARG B 282 -12.96 8.95 -3.20
CA ARG B 282 -14.39 9.09 -3.03
C ARG B 282 -15.15 8.50 -4.21
N GLU B 283 -14.71 8.85 -5.41
CA GLU B 283 -15.39 8.43 -6.62
C GLU B 283 -15.35 6.91 -6.83
N VAL B 284 -14.17 6.32 -6.74
CA VAL B 284 -14.05 4.86 -6.87
C VAL B 284 -14.95 4.12 -5.87
N SER B 285 -15.01 4.61 -4.63
CA SER B 285 -15.86 4.02 -3.63
C SER B 285 -17.34 4.07 -4.05
N TYR B 286 -17.76 5.19 -4.62
CA TYR B 286 -19.13 5.35 -5.03
C TYR B 286 -19.46 4.40 -6.18
N TYR B 287 -18.58 4.36 -7.19
CA TYR B 287 -18.84 3.56 -8.39
C TYR B 287 -18.84 2.07 -8.12
N PHE B 288 -17.82 1.58 -7.42
CA PHE B 288 -17.64 0.16 -7.13
C PHE B 288 -18.85 -0.38 -6.38
N THR B 289 -19.30 0.37 -5.38
CA THR B 289 -20.35 -0.09 -4.47
C THR B 289 -21.73 -0.04 -5.11
N LYS B 290 -21.84 0.71 -6.21
CA LYS B 290 -23.02 0.68 -7.06
C LYS B 290 -23.02 -0.62 -7.85
N ILE B 291 -21.84 -1.03 -8.32
CA ILE B 291 -21.73 -2.19 -9.22
C ILE B 291 -21.74 -3.52 -8.44
N ILE B 292 -20.92 -3.64 -7.39
CA ILE B 292 -21.08 -4.76 -6.48
C ILE B 292 -21.15 -4.21 -5.04
N PRO B 293 -22.37 -4.15 -4.47
CA PRO B 293 -22.70 -3.68 -3.12
C PRO B 293 -21.94 -4.27 -1.93
N ALA B 294 -21.50 -5.53 -2.03
CA ALA B 294 -20.75 -6.15 -0.94
C ALA B 294 -19.45 -5.39 -0.62
N LEU B 295 -18.83 -4.84 -1.65
CA LEU B 295 -17.65 -3.97 -1.51
C LEU B 295 -17.77 -2.91 -0.41
N LYS B 296 -19.00 -2.50 -0.08
CA LYS B 296 -19.24 -1.58 1.05
C LYS B 296 -18.60 -2.02 2.38
N ASN B 297 -18.61 -3.32 2.67
CA ASN B 297 -18.06 -3.84 3.92
C ASN B 297 -16.55 -4.10 3.87
N LEU B 298 -15.94 -3.82 2.73
CA LEU B 298 -14.52 -4.08 2.53
C LEU B 298 -13.58 -2.90 2.78
N LEU B 299 -12.54 -3.16 3.57
CA LEU B 299 -11.48 -2.21 3.82
C LEU B 299 -10.68 -1.84 2.55
N ILE B 300 -10.50 -0.54 2.31
CA ILE B 300 -9.52 -0.08 1.33
C ILE B 300 -8.16 -0.02 2.00
N LEU B 301 -7.13 -0.58 1.37
CA LEU B 301 -5.79 -0.63 1.98
C LEU B 301 -4.86 0.47 1.50
N ARG B 302 -4.82 0.67 0.19
CA ARG B 302 -3.92 1.62 -0.45
C ARG B 302 -4.53 2.05 -1.78
N THR B 303 -4.04 3.19 -2.28
CA THR B 303 -4.42 3.74 -3.57
C THR B 303 -3.11 4.15 -4.24
N TRP B 304 -3.02 4.03 -5.57
CA TRP B 304 -1.83 4.52 -6.28
C TRP B 304 -2.16 5.13 -7.65
N ALA B 305 -1.12 5.61 -8.34
CA ALA B 305 -1.27 6.24 -9.64
C ALA B 305 -0.22 5.77 -10.66
N GLY B 306 -0.51 6.00 -11.94
CA GLY B 306 0.40 5.67 -13.02
C GLY B 306 0.01 6.42 -14.27
N TYR B 307 0.88 6.33 -15.28
CA TYR B 307 0.66 7.04 -16.53
C TYR B 307 -0.17 6.25 -17.53
N TYR B 308 -1.15 6.89 -18.14
CA TYR B 308 -1.59 6.46 -19.45
C TYR B 308 -0.75 7.33 -20.37
N ALA B 309 -0.15 6.74 -21.39
CA ALA B 309 0.50 7.53 -22.44
C ALA B 309 -0.51 7.69 -23.58
N LYS B 310 -1.26 8.80 -23.54
CA LYS B 310 -2.38 9.03 -24.44
C LYS B 310 -2.02 9.65 -25.80
N THR B 311 -2.63 9.14 -26.86
CA THR B 311 -2.67 9.83 -28.15
C THR B 311 -4.09 10.35 -28.40
N PRO B 312 -4.26 11.26 -29.37
CA PRO B 312 -5.56 11.85 -29.67
C PRO B 312 -6.65 10.84 -30.05
N ASP B 313 -6.25 9.68 -30.56
CA ASP B 313 -7.22 8.65 -30.91
C ASP B 313 -7.07 7.38 -30.07
N SER B 314 -6.43 7.50 -28.91
CA SER B 314 -6.27 6.35 -28.01
C SER B 314 -5.67 5.08 -28.63
N ASN B 315 -4.91 5.24 -29.72
CA ASN B 315 -4.17 4.14 -30.34
C ASN B 315 -2.68 4.45 -30.32
N PRO B 316 -1.84 3.41 -30.17
CA PRO B 316 -0.40 3.67 -30.17
C PRO B 316 0.15 4.15 -31.50
N ALA B 317 1.39 4.60 -31.48
CA ALA B 317 2.18 4.85 -32.67
C ALA B 317 3.23 3.77 -32.76
N ILE B 318 3.04 2.87 -33.72
CA ILE B 318 3.92 1.73 -33.91
C ILE B 318 4.29 1.73 -35.37
N GLY B 319 5.55 2.01 -35.64
CA GLY B 319 6.04 2.01 -37.01
C GLY B 319 7.49 2.45 -37.19
N ARG B 320 7.96 2.37 -38.43
CA ARG B 320 9.27 2.91 -38.81
C ARG B 320 9.15 4.41 -39.05
N ILE B 321 10.07 5.16 -38.48
CA ILE B 321 10.22 6.56 -38.85
C ILE B 321 11.30 6.59 -39.92
N GLU B 322 10.91 7.11 -41.08
CA GLU B 322 11.69 6.96 -42.30
C GLU B 322 12.87 7.93 -42.43
N GLU B 323 12.70 9.13 -41.89
CA GLU B 323 13.68 10.20 -42.04
C GLU B 323 14.87 10.10 -41.08
N LEU B 324 14.73 9.25 -40.07
CA LEU B 324 15.89 8.84 -39.30
C LEU B 324 16.16 7.38 -39.61
N ASN B 325 17.39 7.08 -39.97
CA ASN B 325 17.68 5.74 -40.46
C ASN B 325 17.86 4.66 -39.42
N ASP B 326 16.71 4.01 -39.25
CA ASP B 326 16.40 2.81 -38.48
C ASP B 326 15.87 3.16 -37.11
N TYR B 327 14.99 4.17 -37.10
CA TYR B 327 14.27 4.59 -35.92
C TYR B 327 12.88 4.01 -35.97
N TYR B 328 12.48 3.35 -34.89
CA TYR B 328 11.13 2.82 -34.79
C TYR B 328 10.45 3.33 -33.53
N ILE B 329 9.14 3.31 -33.54
CA ILE B 329 8.40 3.72 -32.37
C ILE B 329 7.33 2.68 -32.07
N ALA B 330 7.20 2.35 -30.79
CA ALA B 330 6.10 1.56 -30.26
C ALA B 330 5.69 2.15 -28.92
N ALA B 331 4.85 3.19 -28.96
CA ALA B 331 4.53 3.98 -27.77
C ALA B 331 3.16 4.66 -27.85
N GLY B 332 2.56 4.91 -26.70
CA GLY B 332 1.28 5.62 -26.62
C GLY B 332 0.11 4.66 -26.55
N PHE B 333 0.20 3.68 -25.66
CA PHE B 333 -0.81 2.62 -25.65
C PHE B 333 -2.10 2.99 -24.94
N SER B 334 -2.14 4.22 -24.41
CA SER B 334 -3.39 4.82 -23.96
C SER B 334 -4.21 3.91 -23.04
N GLY B 335 -3.54 3.16 -22.16
CA GLY B 335 -4.22 2.46 -21.09
C GLY B 335 -4.39 0.97 -21.29
N HIS B 336 -4.09 0.48 -22.49
CA HIS B 336 -4.28 -0.93 -22.81
C HIS B 336 -3.05 -1.48 -23.53
N GLY B 337 -1.88 -0.94 -23.21
CA GLY B 337 -0.64 -1.40 -23.81
C GLY B 337 -0.05 -2.67 -23.24
N PHE B 338 -0.43 -3.02 -22.02
CA PHE B 338 0.06 -4.28 -21.43
C PHE B 338 -0.46 -5.50 -22.18
N MET B 339 -1.78 -5.56 -22.37
CA MET B 339 -2.41 -6.65 -23.11
C MET B 339 -1.89 -6.78 -24.55
N MET B 340 -1.54 -5.68 -25.18
CA MET B 340 -1.07 -5.71 -26.57
C MET B 340 0.35 -6.26 -26.74
N ALA B 341 1.14 -6.14 -25.68
CA ALA B 341 2.59 -6.26 -25.76
C ALA B 341 3.11 -7.47 -26.56
N PRO B 342 2.66 -8.70 -26.23
CA PRO B 342 3.12 -9.88 -26.94
C PRO B 342 2.94 -9.76 -28.44
N ALA B 343 1.79 -9.23 -28.86
CA ALA B 343 1.54 -9.01 -30.28
C ALA B 343 2.39 -7.88 -30.86
N VAL B 344 2.54 -6.75 -30.16
CA VAL B 344 3.36 -5.68 -30.74
C VAL B 344 4.83 -6.11 -30.84
N GLY B 345 5.24 -6.98 -29.91
CA GLY B 345 6.57 -7.57 -29.96
C GLY B 345 6.74 -8.24 -31.30
N GLU B 346 5.83 -9.17 -31.59
CA GLU B 346 5.78 -9.85 -32.87
C GLU B 346 5.79 -8.89 -34.06
N MET B 347 4.89 -7.89 -34.07
CA MET B 347 4.84 -6.90 -35.16
C MET B 347 6.16 -6.15 -35.38
N VAL B 348 6.70 -5.57 -34.31
CA VAL B 348 7.93 -4.77 -34.38
C VAL B 348 9.07 -5.65 -34.87
N ALA B 349 9.20 -6.85 -34.32
CA ALA B 349 10.21 -7.82 -34.79
C ALA B 349 10.13 -7.98 -36.31
N GLU B 350 8.95 -8.32 -36.81
CA GLU B 350 8.71 -8.49 -38.23
C GLU B 350 9.02 -7.25 -39.06
N LEU B 351 8.65 -6.08 -38.56
CA LEU B 351 9.03 -4.84 -39.22
C LEU B 351 10.55 -4.78 -39.38
N ILE B 352 11.27 -4.87 -38.26
CA ILE B 352 12.73 -4.81 -38.24
C ILE B 352 13.31 -5.82 -39.23
N THR B 353 12.64 -6.95 -39.29
CA THR B 353 13.24 -8.21 -39.71
C THR B 353 12.91 -8.63 -41.15
N LYS B 354 11.73 -8.22 -41.62
CA LYS B 354 11.20 -8.61 -42.92
C LYS B 354 10.68 -7.40 -43.67
N GLY B 355 10.41 -6.31 -42.95
CA GLY B 355 9.92 -5.09 -43.57
C GLY B 355 8.41 -4.98 -43.63
N LYS B 356 7.71 -6.06 -43.29
CA LYS B 356 6.24 -6.04 -43.17
C LYS B 356 5.75 -7.10 -42.18
N THR B 357 4.48 -6.98 -41.78
CA THR B 357 3.89 -7.81 -40.73
C THR B 357 2.62 -8.53 -41.15
N LYS B 358 2.43 -9.72 -40.59
CA LYS B 358 1.20 -10.49 -40.75
C LYS B 358 -0.03 -9.63 -40.37
N LEU B 359 -0.06 -9.16 -39.11
CA LEU B 359 -1.12 -8.29 -38.58
C LEU B 359 -1.18 -6.90 -39.26
N PRO B 360 -2.31 -6.19 -39.12
CA PRO B 360 -2.53 -4.87 -39.68
C PRO B 360 -1.86 -3.72 -38.90
N VAL B 361 -0.51 -3.72 -38.87
CA VAL B 361 0.25 -2.73 -38.12
C VAL B 361 0.03 -1.30 -38.60
N GLU B 362 -0.41 -1.13 -39.85
CA GLU B 362 -0.58 0.21 -40.42
C GLU B 362 -1.69 1.06 -39.76
N TRP B 363 -2.60 0.42 -39.04
CA TRP B 363 -3.60 1.13 -38.23
C TRP B 363 -2.93 2.07 -37.23
N TYR B 364 -1.77 1.65 -36.74
CA TYR B 364 -1.00 2.37 -35.73
C TYR B 364 0.09 3.25 -36.35
N ASP B 365 -0.16 3.70 -37.57
CA ASP B 365 0.78 4.53 -38.32
C ASP B 365 1.18 5.79 -37.55
N PRO B 366 2.49 5.91 -37.23
CA PRO B 366 3.12 7.09 -36.66
C PRO B 366 2.80 8.37 -37.40
N TYR B 367 2.59 8.27 -38.71
CA TYR B 367 2.34 9.44 -39.54
C TYR B 367 0.88 9.89 -39.57
N ARG B 368 -0.01 9.11 -38.98
CA ARG B 368 -1.44 9.41 -39.13
C ARG B 368 -1.83 10.80 -38.62
N PHE B 369 -1.09 11.30 -37.63
CA PHE B 369 -1.52 12.48 -36.89
C PHE B 369 -1.28 13.78 -37.66
N GLU B 370 -0.09 13.89 -38.26
CA GLU B 370 0.23 15.03 -39.10
C GLU B 370 -0.63 14.96 -40.35
N ARG B 371 -0.77 13.78 -40.93
CA ARG B 371 -1.67 13.58 -42.06
C ARG B 371 -3.14 13.90 -41.75
N GLY B 372 -3.46 14.17 -40.49
CA GLY B 372 -4.84 14.42 -40.06
C GLY B 372 -5.76 13.19 -39.94
N GLU B 373 -5.21 11.99 -40.08
CA GLU B 373 -6.03 10.76 -40.10
C GLU B 373 -6.14 10.01 -38.76
N LEU B 374 -7.03 10.48 -37.88
CA LEU B 374 -7.27 9.81 -36.60
C LEU B 374 -8.23 8.63 -36.75
N ARG B 375 -8.00 7.59 -35.98
CA ARG B 375 -8.78 6.36 -36.07
C ARG B 375 -10.06 6.45 -35.24
#